data_7YFQ
#
_entry.id   7YFQ
#
loop_
_entity.id
_entity.type
_entity.pdbx_description
1 polymer piRNA
2 polymer "RNA (5'-R(*UP*CP*CP*AP*UP*GP*UP*UP*GP*AP*UP*GP*GP*UP*AP*A)-3')"
3 polymer Piwi
4 non-polymer 'MAGNESIUM ION'
#
loop_
_entity_poly.entity_id
_entity_poly.type
_entity_poly.pdbx_seq_one_letter_code
_entity_poly.pdbx_strand_id
1 'polyribonucleotide' UUACCAUCAACAUGGAAACUUGGC(OMU) B
2 'polyribonucleotide' UCCAUGUUGAUGGUAA C
3 'polypeptide(L)'
;MDYKDDDDKGSDYKDDDDKGSDYKDDDDKGSENLYFQGSLNVESSMVSQRGSSGQPVPVSANYLPLKGNMDGVFKYAVGF
NPPVEDIRSRSQLLNEHKELIGLTRVFDGSTLYVPKRICEQRLDLMSTRQTDGASIKVTISLVDSVKNRDVVQLMNVIFK
RILRSLKLQRIGRDYYDANSPLEVPQHKMQLWPGYVTAINRHEGGLMLVLDVSHRVMKTDTALDFLYELYHFNQDKFREE
AFKQLVGSVVLTRYNNRTYEIDDIAWDKNPRCAFQDHAGSQITFVDYYKRAYDLDITDLEQPLLIHRPKKKQRGKQDEGR
KEVEEMVCLVPELCAMTGLTDAARSDFKVMKDLAVHTRVPPEKRAESFRKFIQRLNTTKEASELLHSWGLVLDSRMLDMQ
GRRLPPEKILFKHSSIVANMEADWSRECLKEHVISAVSLLDWAVLFVRKDQGKATDFVNMLSKVCPPIGMEVHEPKMVEV
VNDRTESYLRALRELIAPRLQMVVIVFPTSRDDRYSAVKKLCCIESPIPSQVLIARTITQQQKLRSVAQKVALQMNAKLG
GELWAVEIPLKSCMVVGIDVYHDKSYGNKSIAGFVASTNPSFTRWYSRTAMQEQSQELIHELKLCMQAALKKYNEMNQSL
PERIIVFRDGVGEGREEYVSEFEVPQFNSCFSIFGENYCPKLAVVVVQKRITTRIFGRSGHSYDNPPPGVIVDHTITKSY
DFYLVSQHVRQGTVSPTYYRVIYDKSGLKPDHLQRLTYKLTHMYYNWPGTIRTPAPCKYAHKLAFLVGKSLHRDPAHELS
DRLFFL
;
A
#
loop_
_chem_comp.id
_chem_comp.type
_chem_comp.name
_chem_comp.formula
A RNA linking ADENOSINE-5'-MONOPHOSPHATE 'C10 H14 N5 O7 P'
C RNA linking CYTIDINE-5'-MONOPHOSPHATE 'C9 H14 N3 O8 P'
G RNA linking GUANOSINE-5'-MONOPHOSPHATE 'C10 H14 N5 O8 P'
MG non-polymer 'MAGNESIUM ION' 'Mg 2'
OMU RNA linking 'O2'-METHYLURIDINE 5'-MONOPHOSPHATE' 'C10 H15 N2 O9 P'
U RNA linking URIDINE-5'-MONOPHOSPHATE 'C9 H13 N2 O9 P'
#
# COMPACT_ATOMS: atom_id res chain seq x y z
N1 OMU A 25 1.95 23.10 34.22
C2 OMU A 25 2.91 23.23 35.25
N3 OMU A 25 2.63 22.78 36.48
C4 OMU A 25 1.45 22.21 36.74
C5 OMU A 25 0.50 22.05 35.74
C6 OMU A 25 0.77 22.51 34.46
O2 OMU A 25 4.01 23.78 35.01
O4 OMU A 25 1.21 21.79 37.89
C1' OMU A 25 2.25 23.57 32.87
C2' OMU A 25 2.49 25.07 32.82
O2' OMU A 25 1.31 25.76 32.43
CM2 OMU A 25 1.24 27.07 32.97
C3' OMU A 25 3.58 25.25 31.78
C4' OMU A 25 3.92 23.83 31.33
O3' OMU A 25 3.07 26.00 30.66
O4' OMU A 25 3.43 22.97 32.37
C5' OMU A 25 5.41 23.59 31.07
O5' OMU A 25 5.60 22.19 31.06
P OMU A 25 6.42 21.41 29.90
OP1 OMU A 25 5.70 21.60 28.59
OP2 OMU A 25 7.87 21.79 30.02
N GLN C 49 3.98 -26.54 -0.10
CA GLN C 49 4.16 -25.17 -0.57
C GLN C 49 5.51 -24.96 -1.26
N ARG C 50 6.29 -26.03 -1.38
CA ARG C 50 7.65 -25.93 -1.91
C ARG C 50 7.65 -26.05 -3.43
N GLY C 51 8.59 -25.35 -4.05
CA GLY C 51 8.76 -25.41 -5.49
C GLY C 51 10.18 -25.05 -5.87
N SER C 52 10.71 -25.78 -6.86
CA SER C 52 12.08 -25.60 -7.33
C SER C 52 12.03 -25.35 -8.83
N SER C 53 12.13 -24.07 -9.22
CA SER C 53 12.07 -23.67 -10.62
C SER C 53 13.38 -23.06 -11.09
N GLY C 54 13.85 -22.00 -10.44
CA GLY C 54 14.93 -21.19 -10.97
C GLY C 54 16.29 -21.53 -10.40
N GLN C 55 17.15 -20.50 -10.25
CA GLN C 55 18.49 -20.71 -9.69
C GLN C 55 18.57 -20.09 -8.30
N PRO C 56 19.26 -20.72 -7.35
CA PRO C 56 19.26 -20.18 -5.97
C PRO C 56 19.94 -18.83 -5.89
N VAL C 57 19.41 -17.97 -5.02
CA VAL C 57 19.90 -16.61 -4.85
C VAL C 57 19.83 -16.30 -3.35
N PRO C 58 20.93 -15.93 -2.69
CA PRO C 58 20.84 -15.56 -1.27
C PRO C 58 20.23 -14.18 -1.07
N VAL C 59 19.24 -14.11 -0.18
CA VAL C 59 18.53 -12.88 0.12
C VAL C 59 18.42 -12.73 1.64
N SER C 60 18.05 -11.53 2.06
CA SER C 60 17.83 -11.22 3.47
C SER C 60 16.63 -10.31 3.59
N ALA C 61 15.80 -10.55 4.59
CA ALA C 61 14.61 -9.77 4.86
C ALA C 61 14.80 -9.00 6.16
N ASN C 62 13.94 -8.00 6.37
CA ASN C 62 14.03 -7.14 7.56
C ASN C 62 13.24 -7.72 8.72
N TYR C 63 13.47 -9.00 9.02
CA TYR C 63 12.77 -9.72 10.08
C TYR C 63 13.81 -10.14 11.12
N LEU C 64 13.67 -9.63 12.34
CA LEU C 64 14.53 -10.10 13.43
C LEU C 64 13.90 -11.34 14.05
N PRO C 65 14.51 -12.52 13.95
CA PRO C 65 13.87 -13.71 14.54
C PRO C 65 13.96 -13.70 16.06
N LEU C 66 12.80 -13.77 16.71
CA LEU C 66 12.70 -13.83 18.17
C LEU C 66 12.62 -15.29 18.59
N LYS C 67 13.70 -15.82 19.15
CA LYS C 67 13.69 -17.17 19.69
C LYS C 67 13.07 -17.11 21.08
N GLY C 68 11.74 -16.97 21.08
CA GLY C 68 10.98 -16.71 22.29
C GLY C 68 10.20 -17.93 22.73
N ASN C 69 10.57 -18.46 23.89
CA ASN C 69 9.89 -19.60 24.49
C ASN C 69 9.04 -19.09 25.65
N MET C 70 7.72 -19.10 25.46
CA MET C 70 6.77 -18.73 26.50
C MET C 70 6.38 -20.01 27.25
N ASP C 71 6.98 -20.21 28.42
CA ASP C 71 6.68 -21.34 29.29
C ASP C 71 6.49 -20.80 30.70
N GLY C 72 5.44 -21.26 31.37
CA GLY C 72 5.10 -20.78 32.69
C GLY C 72 4.22 -19.55 32.72
N VAL C 73 3.98 -18.91 31.58
CA VAL C 73 3.07 -17.76 31.52
C VAL C 73 1.64 -18.28 31.45
N PHE C 74 0.78 -17.74 32.30
CA PHE C 74 -0.61 -18.15 32.37
C PHE C 74 -1.47 -16.94 32.70
N LYS C 75 -2.59 -16.80 32.01
CA LYS C 75 -3.45 -15.63 32.19
C LYS C 75 -4.16 -15.75 33.53
N TYR C 76 -3.67 -15.03 34.54
CA TYR C 76 -4.28 -15.06 35.86
C TYR C 76 -5.35 -13.97 35.93
N ALA C 77 -6.53 -14.36 36.39
CA ALA C 77 -7.63 -13.43 36.61
C ALA C 77 -7.70 -13.08 38.09
N VAL C 78 -7.73 -11.79 38.39
CA VAL C 78 -7.74 -11.30 39.76
C VAL C 78 -9.14 -10.82 40.11
N GLY C 79 -9.60 -9.78 39.41
CA GLY C 79 -10.95 -9.28 39.57
C GLY C 79 -11.33 -8.89 40.98
N PHE C 80 -12.57 -8.47 41.17
CA PHE C 80 -13.14 -8.15 42.46
C PHE C 80 -14.63 -7.91 42.29
N ASN C 81 -15.38 -8.15 43.37
CA ASN C 81 -16.84 -8.07 43.28
C ASN C 81 -17.33 -6.62 43.24
N PRO C 82 -16.82 -5.71 44.08
CA PRO C 82 -17.23 -4.30 43.96
C PRO C 82 -16.41 -3.60 42.89
N PRO C 83 -17.02 -3.16 41.79
CA PRO C 83 -16.21 -2.54 40.72
C PRO C 83 -15.52 -1.27 41.19
N VAL C 84 -14.34 -1.01 40.60
CA VAL C 84 -13.56 0.19 40.85
C VAL C 84 -13.32 0.88 39.52
N GLU C 85 -13.52 2.19 39.48
CA GLU C 85 -13.52 2.91 38.22
C GLU C 85 -12.10 3.07 37.66
N ASP C 86 -11.14 3.37 38.53
CA ASP C 86 -9.81 3.75 38.09
C ASP C 86 -8.97 2.52 37.75
N ILE C 87 -8.33 2.55 36.58
CA ILE C 87 -7.38 1.50 36.22
C ILE C 87 -6.14 1.60 37.09
N ARG C 88 -5.72 2.83 37.41
CA ARG C 88 -4.59 3.02 38.31
C ARG C 88 -4.89 2.43 39.68
N SER C 89 -6.17 2.45 40.09
CA SER C 89 -6.53 1.82 41.35
C SER C 89 -6.27 0.32 41.31
N ARG C 90 -6.61 -0.34 40.21
CA ARG C 90 -6.35 -1.78 40.09
C ARG C 90 -4.85 -2.06 40.03
N SER C 91 -4.10 -1.23 39.30
CA SER C 91 -2.66 -1.41 39.24
C SER C 91 -2.03 -1.25 40.63
N GLN C 92 -2.47 -0.26 41.39
CA GLN C 92 -1.96 -0.07 42.74
C GLN C 92 -2.41 -1.19 43.66
N LEU C 93 -3.60 -1.74 43.42
CA LEU C 93 -4.06 -2.90 44.18
C LEU C 93 -3.10 -4.07 43.97
N LEU C 94 -2.71 -4.31 42.73
CA LEU C 94 -1.70 -5.34 42.46
C LEU C 94 -0.37 -4.98 43.13
N ASN C 95 0.05 -3.72 43.00
CA ASN C 95 1.34 -3.32 43.54
C ASN C 95 1.39 -3.40 45.06
N GLU C 96 0.25 -3.34 45.74
CA GLU C 96 0.24 -3.42 47.20
C GLU C 96 0.82 -4.73 47.69
N HIS C 97 0.45 -5.84 47.04
CA HIS C 97 0.98 -7.16 47.33
C HIS C 97 1.90 -7.63 46.21
N LYS C 98 2.46 -6.68 45.44
CA LYS C 98 3.43 -6.99 44.40
C LYS C 98 4.55 -7.92 44.86
N GLU C 99 4.86 -7.97 46.15
CA GLU C 99 5.83 -8.94 46.64
C GLU C 99 5.43 -10.37 46.29
N LEU C 100 4.12 -10.65 46.30
CA LEU C 100 3.59 -11.93 45.85
C LEU C 100 3.10 -11.89 44.42
N ILE C 101 2.70 -10.72 43.92
CA ILE C 101 2.25 -10.57 42.53
C ILE C 101 3.41 -10.48 41.55
N GLY C 102 4.64 -10.32 42.03
CA GLY C 102 5.82 -10.30 41.19
C GLY C 102 6.31 -8.89 40.91
N LEU C 103 7.60 -8.80 40.59
CA LEU C 103 8.25 -7.55 40.23
C LEU C 103 8.21 -7.28 38.74
N THR C 104 7.61 -8.17 37.94
CA THR C 104 7.48 -7.99 36.49
C THR C 104 6.08 -8.48 36.11
N ARG C 105 5.14 -7.56 36.01
CA ARG C 105 3.73 -7.89 35.81
C ARG C 105 3.17 -7.12 34.62
N VAL C 106 2.20 -7.74 33.96
CA VAL C 106 1.45 -7.14 32.86
C VAL C 106 -0.02 -7.17 33.27
N PHE C 107 -0.55 -6.01 33.66
CA PHE C 107 -1.93 -5.88 34.11
C PHE C 107 -2.58 -4.74 33.35
N ASP C 108 -3.59 -5.06 32.54
CA ASP C 108 -4.27 -4.09 31.70
C ASP C 108 -5.78 -4.33 31.75
N GLY C 109 -6.31 -4.52 32.95
CA GLY C 109 -7.73 -4.80 33.13
C GLY C 109 -7.99 -6.14 33.79
N SER C 110 -7.11 -6.55 34.71
CA SER C 110 -7.24 -7.79 35.47
C SER C 110 -6.89 -9.02 34.65
N THR C 111 -6.27 -8.83 33.49
CA THR C 111 -5.74 -9.95 32.70
C THR C 111 -4.25 -10.12 33.02
N LEU C 112 -3.99 -10.43 34.29
CA LEU C 112 -2.64 -10.34 34.83
C LEU C 112 -1.79 -11.47 34.25
N TYR C 113 -0.73 -11.11 33.51
CA TYR C 113 0.27 -12.08 33.09
C TYR C 113 1.50 -11.91 33.97
N VAL C 114 1.92 -12.99 34.62
CA VAL C 114 3.16 -13.01 35.40
C VAL C 114 4.06 -14.06 34.75
N PRO C 115 5.40 -13.88 34.79
CA PRO C 115 6.25 -14.76 33.97
C PRO C 115 6.28 -16.20 34.43
N LYS C 116 6.15 -16.46 35.74
CA LYS C 116 6.35 -17.78 36.31
C LYS C 116 5.12 -18.24 37.07
N ARG C 117 4.99 -19.55 37.20
CA ARG C 117 3.86 -20.14 37.90
C ARG C 117 3.83 -19.69 39.36
N ILE C 118 2.65 -19.31 39.83
CA ILE C 118 2.49 -18.94 41.24
C ILE C 118 2.53 -20.21 42.08
N CYS C 119 3.11 -20.11 43.27
CA CYS C 119 3.27 -21.28 44.13
C CYS C 119 1.92 -21.90 44.48
N GLU C 120 0.94 -21.06 44.81
CA GLU C 120 -0.43 -21.49 45.05
C GLU C 120 -1.28 -21.07 43.85
N GLN C 121 -1.95 -22.03 43.22
CA GLN C 121 -2.75 -21.72 42.03
C GLN C 121 -3.87 -20.76 42.37
N ARG C 122 -4.55 -20.96 43.50
CA ARG C 122 -5.61 -20.08 43.98
C ARG C 122 -5.11 -19.39 45.24
N LEU C 123 -4.96 -18.07 45.16
CA LEU C 123 -4.51 -17.26 46.28
C LEU C 123 -5.47 -16.08 46.44
N ASP C 124 -6.02 -15.93 47.64
CA ASP C 124 -7.03 -14.92 47.93
C ASP C 124 -6.46 -13.88 48.89
N LEU C 125 -6.50 -12.61 48.49
CA LEU C 125 -6.08 -11.49 49.32
C LEU C 125 -7.21 -10.50 49.44
N MET C 126 -7.53 -10.14 50.68
CA MET C 126 -8.46 -9.04 50.97
C MET C 126 -7.65 -7.87 51.48
N SER C 127 -7.84 -6.70 50.87
CA SER C 127 -7.05 -5.53 51.18
C SER C 127 -7.91 -4.28 51.04
N THR C 128 -7.47 -3.20 51.70
CA THR C 128 -8.19 -1.93 51.72
C THR C 128 -7.37 -0.87 51.00
N ARG C 129 -8.02 -0.20 50.04
CA ARG C 129 -7.40 0.87 49.26
C ARG C 129 -7.43 2.18 50.05
N GLN C 130 -7.12 3.29 49.38
CA GLN C 130 -6.92 4.58 50.03
C GLN C 130 -8.19 5.38 50.24
N THR C 131 -9.11 5.42 49.27
CA THR C 131 -10.27 6.29 49.37
C THR C 131 -11.23 5.80 50.43
N ASP C 132 -11.82 4.62 50.22
CA ASP C 132 -12.64 3.96 51.22
C ASP C 132 -12.19 2.51 51.37
N GLY C 133 -11.85 1.89 50.23
CA GLY C 133 -11.25 0.57 50.21
C GLY C 133 -12.23 -0.53 49.85
N ALA C 134 -13.42 -0.49 50.45
CA ALA C 134 -14.54 -1.35 50.06
C ALA C 134 -14.21 -2.84 50.18
N SER C 135 -13.14 -3.21 50.87
CA SER C 135 -12.77 -4.61 51.08
C SER C 135 -12.62 -5.34 49.74
N ILE C 136 -11.60 -4.91 48.98
CA ILE C 136 -11.38 -5.45 47.65
C ILE C 136 -11.19 -6.95 47.73
N LYS C 137 -11.68 -7.67 46.72
CA LYS C 137 -11.76 -9.13 46.72
C LYS C 137 -10.70 -9.77 45.83
N VAL C 138 -9.46 -9.26 45.85
CA VAL C 138 -8.37 -9.80 45.05
C VAL C 138 -8.24 -11.30 45.28
N THR C 139 -8.42 -12.09 44.22
CA THR C 139 -8.34 -13.54 44.29
C THR C 139 -7.79 -14.06 42.98
N ILE C 140 -6.70 -14.83 43.05
CA ILE C 140 -6.02 -15.29 41.85
C ILE C 140 -6.71 -16.55 41.33
N SER C 141 -7.00 -16.57 40.03
CA SER C 141 -7.54 -17.72 39.34
C SER C 141 -6.76 -17.93 38.04
N LEU C 142 -6.76 -19.16 37.55
CA LEU C 142 -5.88 -19.58 36.46
C LEU C 142 -6.67 -19.69 35.16
N VAL C 143 -6.07 -19.22 34.06
CA VAL C 143 -6.57 -19.47 32.70
C VAL C 143 -5.37 -19.81 31.83
N ASP C 144 -5.54 -20.81 30.97
CA ASP C 144 -4.42 -21.34 30.20
C ASP C 144 -4.04 -20.39 29.07
N SER C 145 -2.78 -20.51 28.62
CA SER C 145 -2.25 -19.78 27.48
C SER C 145 -2.01 -20.67 26.28
N VAL C 146 -2.82 -21.72 26.12
CA VAL C 146 -2.54 -22.75 25.12
C VAL C 146 -2.78 -22.21 23.70
N LYS C 147 -3.83 -21.41 23.52
CA LYS C 147 -4.29 -21.08 22.18
C LYS C 147 -3.24 -20.30 21.39
N ASN C 148 -2.32 -19.64 22.07
CA ASN C 148 -1.15 -18.93 21.54
C ASN C 148 -1.54 -17.64 20.81
N ARG C 149 -2.82 -17.29 20.69
CA ARG C 149 -3.16 -15.98 20.15
C ARG C 149 -2.86 -14.88 21.16
N ASP C 150 -2.89 -15.21 22.45
CA ASP C 150 -2.53 -14.25 23.48
C ASP C 150 -1.02 -14.02 23.52
N VAL C 151 -0.25 -14.98 22.99
CA VAL C 151 1.21 -14.88 23.05
C VAL C 151 1.69 -13.68 22.26
N VAL C 152 1.10 -13.43 21.08
CA VAL C 152 1.53 -12.30 20.27
C VAL C 152 1.23 -10.98 20.97
N GLN C 153 0.06 -10.88 21.61
CA GLN C 153 -0.28 -9.66 22.33
C GLN C 153 0.66 -9.43 23.51
N LEU C 154 0.96 -10.50 24.26
CA LEU C 154 1.90 -10.39 25.36
C LEU C 154 3.27 -9.95 24.85
N MET C 155 3.73 -10.55 23.75
CA MET C 155 4.94 -10.11 23.08
C MET C 155 4.89 -8.62 22.78
N ASN C 156 3.78 -8.15 22.23
CA ASN C 156 3.69 -6.75 21.84
C ASN C 156 3.82 -5.82 23.04
N VAL C 157 3.12 -6.11 24.13
CA VAL C 157 3.20 -5.22 25.28
C VAL C 157 4.60 -5.23 25.89
N ILE C 158 5.17 -6.43 26.08
CA ILE C 158 6.50 -6.48 26.69
C ILE C 158 7.51 -5.80 25.79
N PHE C 159 7.37 -5.95 24.46
CA PHE C 159 8.34 -5.34 23.57
C PHE C 159 8.17 -3.84 23.50
N LYS C 160 6.94 -3.34 23.70
CA LYS C 160 6.77 -1.90 23.80
C LYS C 160 7.51 -1.35 25.01
N ARG C 161 7.38 -2.04 26.16
CA ARG C 161 8.12 -1.58 27.33
C ARG C 161 9.63 -1.75 27.13
N ILE C 162 10.05 -2.76 26.39
CA ILE C 162 11.46 -2.96 26.09
C ILE C 162 11.97 -1.81 25.20
N LEU C 163 11.18 -1.41 24.22
CA LEU C 163 11.57 -0.30 23.36
C LEU C 163 11.71 0.98 24.17
N ARG C 164 10.81 1.20 25.13
CA ARG C 164 10.95 2.39 25.97
C ARG C 164 11.99 2.21 27.08
N SER C 165 12.52 1.00 27.28
CA SER C 165 13.63 0.85 28.22
C SER C 165 14.89 1.54 27.70
N LEU C 166 14.97 1.75 26.39
CA LEU C 166 16.04 2.57 25.82
C LEU C 166 15.70 4.03 26.04
N LYS C 167 16.45 4.94 25.40
CA LYS C 167 16.15 6.36 25.50
C LYS C 167 15.43 6.89 24.26
N LEU C 168 14.82 6.02 23.46
CA LEU C 168 14.00 6.45 22.33
C LEU C 168 12.67 6.96 22.87
N GLN C 169 12.35 8.22 22.59
CA GLN C 169 11.06 8.77 22.99
C GLN C 169 10.04 8.60 21.87
N ARG C 170 8.77 8.70 22.24
CA ARG C 170 7.65 8.48 21.33
C ARG C 170 7.03 9.81 20.88
N ILE C 171 6.94 9.99 19.57
CA ILE C 171 6.11 11.03 18.96
C ILE C 171 4.90 10.40 18.25
N GLY C 172 4.51 9.20 18.68
CA GLY C 172 3.44 8.48 18.03
C GLY C 172 3.55 6.99 18.30
N ARG C 173 3.07 6.20 17.36
CA ARG C 173 3.32 4.75 17.42
C ARG C 173 4.80 4.48 17.26
N ASP C 174 5.48 5.24 16.42
CA ASP C 174 6.91 5.11 16.22
C ASP C 174 7.65 5.66 17.43
N TYR C 175 8.83 5.10 17.71
CA TYR C 175 9.69 5.58 18.78
C TYR C 175 10.89 6.26 18.13
N TYR C 176 10.77 7.56 17.90
CA TYR C 176 11.77 8.30 17.14
C TYR C 176 13.02 8.56 17.98
N ASP C 177 14.15 8.56 17.27
CA ASP C 177 15.45 8.77 17.94
C ASP C 177 15.69 10.27 18.17
N ALA C 178 16.39 10.60 19.26
CA ALA C 178 16.72 11.97 19.61
C ALA C 178 18.20 12.15 19.92
N ASN C 179 19.06 11.23 19.47
CA ASN C 179 20.49 11.27 19.76
C ASN C 179 21.38 11.16 18.52
N SER C 180 20.83 10.67 17.41
CA SER C 180 21.62 10.60 16.15
C SER C 180 20.86 11.29 15.02
N PRO C 181 20.72 12.63 15.04
CA PRO C 181 20.02 13.35 13.97
C PRO C 181 20.83 13.38 12.69
N LEU C 182 20.10 13.53 11.58
CA LEU C 182 20.69 13.63 10.23
C LEU C 182 20.62 15.10 9.83
N GLU C 183 21.70 15.82 10.15
CA GLU C 183 21.71 17.28 9.98
C GLU C 183 21.55 17.66 8.52
N VAL C 184 20.76 18.71 8.27
CA VAL C 184 20.59 19.31 6.96
C VAL C 184 20.85 20.80 7.12
N PRO C 185 22.11 21.23 7.30
CA PRO C 185 22.36 22.58 7.82
C PRO C 185 22.37 23.67 6.75
N GLN C 186 21.35 23.66 5.89
CA GLN C 186 21.16 24.74 4.92
C GLN C 186 19.76 25.31 5.04
N HIS C 187 18.78 24.45 5.33
CA HIS C 187 17.42 24.87 5.62
C HIS C 187 17.15 25.00 7.11
N LYS C 188 18.18 24.83 7.95
CA LYS C 188 18.05 24.79 9.40
C LYS C 188 17.21 23.61 9.87
N MET C 189 16.95 22.63 9.01
CA MET C 189 16.08 21.51 9.36
C MET C 189 16.86 20.42 10.09
N GLN C 190 16.20 19.29 10.35
CA GLN C 190 16.82 18.18 11.06
C GLN C 190 15.89 16.98 10.95
N LEU C 191 16.48 15.81 10.69
CA LEU C 191 15.72 14.58 10.47
C LEU C 191 16.03 13.62 11.61
N TRP C 192 15.00 13.17 12.33
CA TRP C 192 15.17 12.12 13.32
C TRP C 192 14.78 10.77 12.74
N PRO C 193 15.63 9.75 12.77
CA PRO C 193 15.17 8.40 12.43
C PRO C 193 14.35 7.81 13.56
N GLY C 194 13.51 6.84 13.19
CA GLY C 194 12.70 6.13 14.16
C GLY C 194 12.29 4.79 13.58
N TYR C 195 11.73 3.96 14.45
CA TYR C 195 11.42 2.59 14.11
C TYR C 195 9.98 2.26 14.49
N VAL C 196 9.32 1.48 13.65
CA VAL C 196 8.05 0.85 13.97
C VAL C 196 8.24 -0.66 13.86
N THR C 197 7.84 -1.36 14.92
CA THR C 197 8.07 -2.80 15.03
C THR C 197 6.78 -3.48 15.44
N ALA C 198 6.60 -4.70 14.94
CA ALA C 198 5.37 -5.45 15.19
C ALA C 198 5.70 -6.94 15.21
N ILE C 199 5.65 -7.54 16.41
CA ILE C 199 5.90 -8.97 16.55
C ILE C 199 4.76 -9.72 15.87
N ASN C 200 5.11 -10.71 15.05
CA ASN C 200 4.12 -11.57 14.41
C ASN C 200 4.64 -13.00 14.40
N ARG C 201 3.78 -13.93 13.99
CA ARG C 201 4.11 -15.34 13.90
C ARG C 201 4.14 -15.77 12.44
N HIS C 202 5.26 -16.33 12.01
CA HIS C 202 5.44 -16.86 10.66
C HIS C 202 5.92 -18.31 10.76
N GLU C 203 6.16 -18.91 9.59
CA GLU C 203 6.51 -20.34 9.53
C GLU C 203 7.75 -20.65 10.35
N GLY C 204 8.67 -19.72 10.48
CA GLY C 204 9.89 -19.93 11.22
C GLY C 204 9.81 -19.65 12.69
N GLY C 205 8.64 -19.28 13.21
CA GLY C 205 8.48 -18.95 14.62
C GLY C 205 7.90 -17.57 14.81
N LEU C 206 8.52 -16.75 15.64
CA LEU C 206 8.12 -15.37 15.86
C LEU C 206 9.13 -14.45 15.21
N MET C 207 8.64 -13.49 14.43
CA MET C 207 9.49 -12.53 13.74
C MET C 207 9.10 -11.12 14.18
N LEU C 208 10.10 -10.36 14.60
CA LEU C 208 10.01 -8.93 14.77
C LEU C 208 10.07 -8.29 13.39
N VAL C 209 8.90 -7.95 12.84
CA VAL C 209 8.87 -7.12 11.65
C VAL C 209 9.28 -5.71 12.05
N LEU C 210 10.20 -5.13 11.28
CA LEU C 210 10.85 -3.88 11.64
C LEU C 210 10.90 -2.98 10.41
N ASP C 211 10.55 -1.71 10.58
CA ASP C 211 10.67 -0.76 9.48
C ASP C 211 11.01 0.62 10.01
N VAL C 212 11.96 1.28 9.35
CA VAL C 212 12.45 2.57 9.77
C VAL C 212 11.69 3.66 9.04
N SER C 213 11.62 4.83 9.67
CA SER C 213 10.98 6.01 9.10
C SER C 213 11.73 7.24 9.59
N HIS C 214 11.46 8.37 8.95
CA HIS C 214 12.10 9.63 9.28
C HIS C 214 11.05 10.68 9.60
N ARG C 215 11.27 11.43 10.69
CA ARG C 215 10.38 12.51 11.09
C ARG C 215 11.18 13.79 11.00
N VAL C 216 10.68 14.75 10.22
CA VAL C 216 11.41 15.98 9.93
C VAL C 216 11.45 16.84 11.19
N MET C 217 12.31 17.85 11.19
CA MET C 217 12.41 18.76 12.32
C MET C 217 13.12 20.05 11.93
N LYS C 218 12.83 21.12 12.66
CA LYS C 218 13.49 22.40 12.49
C LYS C 218 14.38 22.68 13.70
N THR C 219 15.24 23.69 13.57
CA THR C 219 16.05 24.16 14.70
C THR C 219 15.80 25.62 15.05
N ASP C 220 15.32 26.46 14.14
CA ASP C 220 14.89 27.79 14.50
C ASP C 220 13.68 27.72 15.43
N THR C 221 13.63 28.65 16.38
CA THR C 221 12.57 28.64 17.38
C THR C 221 11.23 29.00 16.74
N ALA C 222 10.18 28.97 17.56
CA ALA C 222 8.87 29.44 17.09
C ALA C 222 8.86 30.95 16.87
N LEU C 223 9.60 31.70 17.68
CA LEU C 223 9.65 33.14 17.50
C LEU C 223 10.37 33.51 16.21
N ASP C 224 11.30 32.68 15.75
CA ASP C 224 11.89 32.92 14.43
C ASP C 224 10.85 32.72 13.32
N PHE C 225 10.01 31.70 13.47
CA PHE C 225 8.93 31.50 12.50
C PHE C 225 7.98 32.70 12.50
N LEU C 226 7.66 33.23 13.68
CA LEU C 226 6.78 34.40 13.72
C LEU C 226 7.48 35.66 13.23
N TYR C 227 8.81 35.73 13.39
CA TYR C 227 9.57 36.82 12.80
C TYR C 227 9.44 36.80 11.29
N GLU C 228 9.63 35.62 10.68
CA GLU C 228 9.60 35.52 9.23
C GLU C 228 8.18 35.50 8.67
N LEU C 229 7.16 35.29 9.50
CA LEU C 229 5.77 35.34 9.05
C LEU C 229 5.17 36.74 9.12
N TYR C 230 5.89 37.72 9.68
CA TYR C 230 5.53 39.13 9.57
C TYR C 230 6.58 39.86 8.73
N ALA C 241 -1.39 31.09 8.35
CA ALA C 241 -0.93 31.62 9.63
C ALA C 241 -1.44 30.76 10.78
N PHE C 242 -2.75 30.88 11.07
CA PHE C 242 -3.33 30.09 12.14
C PHE C 242 -3.25 28.59 11.83
N LYS C 243 -3.50 28.23 10.58
CA LYS C 243 -3.50 26.81 10.20
C LYS C 243 -2.12 26.19 10.39
N GLN C 244 -1.07 26.91 9.96
CA GLN C 244 0.28 26.36 10.06
C GLN C 244 0.68 26.17 11.51
N LEU C 245 0.40 27.16 12.37
CA LEU C 245 0.79 27.04 13.77
C LEU C 245 0.00 25.95 14.48
N VAL C 246 -1.32 25.91 14.28
CA VAL C 246 -2.14 24.91 14.96
C VAL C 246 -1.77 23.51 14.50
N GLY C 247 -1.57 23.32 13.20
CA GLY C 247 -1.26 21.99 12.69
C GLY C 247 0.06 21.46 13.20
N SER C 248 1.02 22.35 13.42
CA SER C 248 2.35 21.93 13.87
C SER C 248 2.28 21.36 15.29
N VAL C 249 3.20 20.43 15.57
CA VAL C 249 3.28 19.75 16.86
C VAL C 249 4.60 20.18 17.48
N VAL C 250 4.58 21.27 18.24
CA VAL C 250 5.79 21.87 18.81
C VAL C 250 6.20 21.04 20.02
N LEU C 251 7.48 20.71 20.12
CA LEU C 251 8.05 19.99 21.26
C LEU C 251 9.28 20.72 21.78
N THR C 252 9.33 20.93 23.09
CA THR C 252 10.45 21.61 23.72
C THR C 252 11.65 20.67 23.83
N ARG C 253 12.85 21.25 23.91
CA ARG C 253 14.06 20.45 23.88
C ARG C 253 14.44 19.93 25.26
N TYR C 254 14.34 20.78 26.29
CA TYR C 254 14.80 20.43 27.63
C TYR C 254 14.05 19.21 28.15
N ASN C 255 12.72 19.26 28.10
CA ASN C 255 11.88 18.13 28.47
C ASN C 255 11.37 17.54 27.16
N ASN C 256 12.14 16.60 26.61
CA ASN C 256 11.91 16.14 25.23
C ASN C 256 10.67 15.26 25.23
N ARG C 257 9.52 15.89 24.98
CA ARG C 257 8.25 15.19 24.78
C ARG C 257 7.42 16.03 23.81
N THR C 258 6.53 15.36 23.09
CA THR C 258 5.74 16.06 22.08
C THR C 258 4.53 16.74 22.71
N TYR C 259 4.35 18.00 22.29
CA TYR C 259 3.18 18.78 22.74
C TYR C 259 2.43 19.25 21.48
N GLU C 260 1.11 19.23 21.52
CA GLU C 260 0.27 19.65 20.41
C GLU C 260 -0.35 20.99 20.74
N ILE C 261 -0.24 21.94 19.81
CA ILE C 261 -0.81 23.26 19.98
C ILE C 261 -2.17 23.30 19.30
N ASP C 262 -3.19 23.66 20.06
CA ASP C 262 -4.57 23.74 19.57
C ASP C 262 -5.04 25.18 19.43
N ASP C 263 -4.77 26.02 20.44
CA ASP C 263 -5.21 27.41 20.44
C ASP C 263 -4.06 28.34 20.82
N ILE C 264 -4.10 29.54 20.25
CA ILE C 264 -3.15 30.60 20.55
C ILE C 264 -3.94 31.71 21.23
N ALA C 265 -3.29 32.40 22.16
CA ALA C 265 -3.86 33.56 22.84
C ALA C 265 -2.87 34.70 22.76
N TRP C 266 -3.18 35.71 21.96
CA TRP C 266 -2.35 36.91 21.84
C TRP C 266 -2.75 37.94 22.89
N ASP C 267 -2.86 37.49 24.13
CA ASP C 267 -3.16 38.35 25.26
C ASP C 267 -2.41 37.96 26.53
N LYS C 268 -1.58 36.92 26.49
CA LYS C 268 -0.78 36.47 27.62
C LYS C 268 0.68 36.82 27.38
N ASN C 269 1.49 36.57 28.40
CA ASN C 269 2.89 36.97 28.38
C ASN C 269 3.65 36.17 29.44
N PRO C 270 4.99 36.16 29.37
CA PRO C 270 5.76 35.49 30.43
C PRO C 270 5.58 36.09 31.83
N ARG C 271 5.25 37.38 31.95
CA ARG C 271 5.03 37.95 33.27
C ARG C 271 3.82 37.34 33.98
N CYS C 272 2.95 36.65 33.26
CA CYS C 272 1.78 36.02 33.86
C CYS C 272 2.19 34.99 34.91
N ALA C 273 1.24 34.66 35.78
CA ALA C 273 1.48 33.82 36.94
C ALA C 273 0.71 32.50 36.85
N PHE C 274 1.35 31.44 37.32
CA PHE C 274 0.74 30.11 37.40
C PHE C 274 1.09 29.50 38.74
N GLN C 275 0.12 28.88 39.40
CA GLN C 275 0.36 28.30 40.71
C GLN C 275 1.19 27.03 40.57
N ASP C 276 2.39 27.05 41.15
CA ASP C 276 3.34 25.95 40.99
C ASP C 276 3.24 24.99 42.17
N HIS C 277 3.16 23.69 41.86
CA HIS C 277 3.11 22.64 42.87
C HIS C 277 1.94 22.84 43.82
N ALA C 278 0.85 23.41 43.31
CA ALA C 278 -0.34 23.71 44.11
C ALA C 278 0.02 24.61 45.30
N GLY C 279 1.00 25.49 45.10
CA GLY C 279 1.47 26.38 46.14
C GLY C 279 1.16 27.84 45.89
N SER C 280 2.17 28.58 45.44
CA SER C 280 2.03 30.01 45.17
C SER C 280 2.25 30.25 43.69
N GLN C 281 2.02 31.49 43.27
CA GLN C 281 2.17 31.85 41.87
C GLN C 281 3.63 32.02 41.50
N ILE C 282 3.97 31.60 40.29
CA ILE C 282 5.32 31.75 39.73
C ILE C 282 5.18 32.23 38.30
N THR C 283 6.22 32.96 37.85
CA THR C 283 6.25 33.43 36.44
C THR C 283 6.93 32.36 35.60
N PHE C 284 6.62 32.32 34.31
CA PHE C 284 7.21 31.32 33.40
C PHE C 284 8.71 31.46 33.33
N VAL C 285 9.22 32.70 33.31
CA VAL C 285 10.67 32.90 33.33
C VAL C 285 11.27 32.31 34.60
N ASP C 286 10.68 32.64 35.74
CA ASP C 286 11.17 32.08 37.02
C ASP C 286 11.04 30.55 36.98
N TYR C 287 9.88 30.05 36.56
CA TYR C 287 9.65 28.61 36.53
C TYR C 287 10.76 27.90 35.77
N TYR C 288 11.06 28.36 34.55
CA TYR C 288 12.07 27.69 33.75
C TYR C 288 13.47 27.95 34.28
N LYS C 289 13.70 29.10 34.91
CA LYS C 289 15.00 29.35 35.53
C LYS C 289 15.25 28.39 36.67
N ARG C 290 14.24 28.17 37.52
CA ARG C 290 14.39 27.28 38.67
C ARG C 290 14.30 25.80 38.29
N ALA C 291 13.76 25.48 37.11
CA ALA C 291 13.64 24.09 36.69
C ALA C 291 14.80 23.63 35.82
N TYR C 292 15.17 24.39 34.78
CA TYR C 292 16.09 23.92 33.76
C TYR C 292 17.25 24.88 33.50
N ASP C 293 17.39 25.94 34.30
CA ASP C 293 18.56 26.82 34.24
C ASP C 293 18.74 27.45 32.86
N LEU C 294 17.77 28.26 32.47
CA LEU C 294 17.85 29.01 31.22
C LEU C 294 17.03 30.29 31.36
N ASP C 295 17.25 31.20 30.41
CA ASP C 295 16.59 32.51 30.39
C ASP C 295 15.79 32.68 29.12
N ILE C 296 14.74 33.49 29.21
CA ILE C 296 13.88 33.83 28.08
C ILE C 296 13.91 35.35 27.93
N THR C 297 14.17 35.82 26.71
CA THR C 297 14.43 37.25 26.50
C THR C 297 13.14 38.04 26.27
N ASP C 298 12.27 37.56 25.38
CA ASP C 298 11.11 38.35 24.98
C ASP C 298 10.14 38.53 26.15
N LEU C 299 9.39 39.64 26.10
CA LEU C 299 8.51 40.04 27.19
C LEU C 299 7.04 40.14 26.81
N GLU C 300 6.70 40.40 25.54
CA GLU C 300 5.31 40.45 25.09
C GLU C 300 5.05 39.45 23.96
N GLN C 301 5.81 38.35 23.93
CA GLN C 301 5.61 37.36 22.89
C GLN C 301 4.29 36.62 23.10
N PRO C 302 3.76 35.97 22.06
CA PRO C 302 2.57 35.13 22.24
C PRO C 302 2.88 33.95 23.16
N LEU C 303 1.82 33.23 23.50
CA LEU C 303 1.93 31.97 24.23
C LEU C 303 1.02 30.94 23.57
N LEU C 304 1.38 29.67 23.70
CA LEU C 304 0.66 28.58 23.04
C LEU C 304 -0.06 27.73 24.08
N ILE C 305 -1.31 27.38 23.83
CA ILE C 305 -2.14 26.66 24.80
C ILE C 305 -2.27 25.22 24.34
N HIS C 306 -1.93 24.28 25.23
CA HIS C 306 -2.10 22.85 24.98
C HIS C 306 -2.96 22.28 26.09
N ARG C 307 -4.05 21.61 25.70
CA ARG C 307 -4.98 21.00 26.65
C ARG C 307 -5.19 19.53 26.27
N PRO C 308 -4.95 18.57 27.17
CA PRO C 308 -5.06 17.16 26.78
C PRO C 308 -6.51 16.75 26.60
N LYS C 309 -6.70 15.51 26.16
CA LYS C 309 -8.03 14.94 25.98
C LYS C 309 -8.47 14.21 27.25
N GLU C 325 -4.88 20.42 33.24
CA GLU C 325 -5.68 21.49 32.67
C GLU C 325 -4.94 22.09 31.45
N MET C 326 -4.66 23.39 31.46
CA MET C 326 -4.00 24.04 30.33
C MET C 326 -2.50 24.10 30.57
N VAL C 327 -1.75 24.05 29.47
CA VAL C 327 -0.29 24.14 29.48
C VAL C 327 0.10 25.29 28.58
N CYS C 328 0.88 26.22 29.12
CA CYS C 328 1.29 27.42 28.40
C CYS C 328 2.74 27.26 27.94
N LEU C 329 2.92 27.08 26.63
CA LEU C 329 4.25 26.97 26.04
C LEU C 329 4.74 28.34 25.62
N VAL C 330 6.00 28.62 25.93
CA VAL C 330 6.65 29.89 25.59
C VAL C 330 7.28 29.71 24.20
N PRO C 331 6.93 30.53 23.20
CA PRO C 331 7.39 30.25 21.84
C PRO C 331 8.79 30.79 21.53
N GLU C 332 9.73 30.62 22.47
CA GLU C 332 11.16 30.70 22.19
C GLU C 332 11.86 29.38 22.42
N LEU C 333 11.45 28.64 23.44
CA LEU C 333 12.00 27.32 23.71
C LEU C 333 11.40 26.24 22.82
N CYS C 334 10.26 26.51 22.18
CA CYS C 334 9.64 25.55 21.30
C CYS C 334 10.46 25.36 20.03
N ALA C 335 10.14 24.30 19.30
CA ALA C 335 10.82 24.00 18.04
C ALA C 335 9.79 23.31 17.14
N MET C 336 9.28 24.05 16.15
CA MET C 336 8.23 23.53 15.30
C MET C 336 8.70 22.26 14.60
N THR C 337 7.74 21.43 14.22
CA THR C 337 7.98 20.14 13.60
C THR C 337 7.11 20.02 12.35
N GLY C 338 7.30 18.93 11.62
CA GLY C 338 6.66 18.80 10.33
C GLY C 338 7.25 19.79 9.34
N LEU C 339 6.56 19.94 8.22
CA LEU C 339 6.94 20.87 7.17
C LEU C 339 5.85 21.92 7.01
N THR C 340 6.26 23.19 6.96
CA THR C 340 5.31 24.26 6.69
C THR C 340 5.02 24.31 5.19
N ASP C 341 3.93 24.99 4.84
CA ASP C 341 3.53 25.06 3.44
C ASP C 341 4.59 25.74 2.58
N ALA C 342 5.18 26.83 3.09
CA ALA C 342 6.24 27.49 2.36
C ALA C 342 7.49 26.62 2.26
N ALA C 343 7.83 25.91 3.35
CA ALA C 343 8.97 25.01 3.32
C ALA C 343 8.73 23.88 2.33
N ARG C 344 7.52 23.33 2.30
CA ARG C 344 7.20 22.29 1.32
C ARG C 344 7.27 22.82 -0.10
N SER C 345 6.81 24.05 -0.32
CA SER C 345 6.76 24.60 -1.68
C SER C 345 8.16 24.72 -2.27
N ASP C 346 9.17 24.94 -1.44
CA ASP C 346 10.54 25.07 -1.92
C ASP C 346 10.99 23.76 -2.57
N PHE C 347 11.28 23.81 -3.87
CA PHE C 347 11.70 22.61 -4.58
C PHE C 347 13.02 22.07 -4.06
N LYS C 348 13.96 22.95 -3.72
CA LYS C 348 15.27 22.50 -3.25
C LYS C 348 15.14 21.71 -1.95
N VAL C 349 14.28 22.16 -1.04
CA VAL C 349 14.13 21.50 0.24
C VAL C 349 13.65 20.07 0.04
N MET C 350 12.60 19.89 -0.76
CA MET C 350 12.06 18.55 -0.98
C MET C 350 13.05 17.70 -1.77
N LYS C 351 13.78 18.30 -2.71
CA LYS C 351 14.78 17.53 -3.44
C LYS C 351 15.86 17.01 -2.50
N ASP C 352 16.31 17.85 -1.56
CA ASP C 352 17.33 17.40 -0.61
C ASP C 352 16.78 16.33 0.32
N LEU C 353 15.58 16.52 0.86
CA LEU C 353 15.03 15.55 1.78
C LEU C 353 14.63 14.25 1.10
N ALA C 354 14.43 14.26 -0.22
CA ALA C 354 14.11 13.03 -0.93
C ALA C 354 15.26 12.03 -0.85
N VAL C 355 16.51 12.52 -0.89
CA VAL C 355 17.66 11.63 -0.85
C VAL C 355 17.66 10.83 0.44
N HIS C 356 17.40 11.50 1.57
CA HIS C 356 17.36 10.81 2.85
C HIS C 356 16.11 9.94 2.97
N THR C 357 14.97 10.42 2.48
CA THR C 357 13.74 9.66 2.65
C THR C 357 13.71 8.43 1.74
N ARG C 358 14.07 8.59 0.47
CA ARG C 358 14.23 7.45 -0.43
C ARG C 358 15.52 6.75 -0.06
N VAL C 359 15.42 5.73 0.78
CA VAL C 359 16.58 5.00 1.29
C VAL C 359 16.88 3.85 0.34
N PRO C 360 18.10 3.73 -0.17
CA PRO C 360 18.46 2.51 -0.89
C PRO C 360 18.53 1.32 0.05
N PRO C 361 18.65 0.10 -0.47
CA PRO C 361 18.72 -1.05 0.44
C PRO C 361 19.87 -0.98 1.44
N GLU C 362 21.03 -0.46 1.02
CA GLU C 362 22.19 -0.46 1.89
C GLU C 362 21.98 0.41 3.12
N LYS C 363 21.41 1.60 2.95
CA LYS C 363 21.23 2.50 4.09
C LYS C 363 20.11 2.01 5.00
N ARG C 364 19.06 1.41 4.42
CA ARG C 364 18.04 0.78 5.24
C ARG C 364 18.64 -0.33 6.09
N ALA C 365 19.51 -1.16 5.49
CA ALA C 365 20.18 -2.20 6.26
C ALA C 365 21.08 -1.59 7.33
N GLU C 366 21.73 -0.46 7.02
CA GLU C 366 22.56 0.20 8.02
C GLU C 366 21.75 0.64 9.23
N SER C 367 20.60 1.27 8.99
CA SER C 367 19.75 1.69 10.10
C SER C 367 19.26 0.48 10.89
N PHE C 368 18.89 -0.59 10.19
CA PHE C 368 18.49 -1.82 10.86
C PHE C 368 19.59 -2.33 11.78
N ARG C 369 20.82 -2.42 11.27
CA ARG C 369 21.94 -2.93 12.07
C ARG C 369 22.20 -2.05 13.28
N LYS C 370 22.12 -0.73 13.10
CA LYS C 370 22.32 0.16 14.24
C LYS C 370 21.24 -0.05 15.29
N PHE C 371 20.00 -0.31 14.85
CA PHE C 371 18.95 -0.60 15.81
C PHE C 371 19.24 -1.88 16.59
N ILE C 372 19.71 -2.92 15.91
CA ILE C 372 20.03 -4.16 16.63
C ILE C 372 21.12 -3.90 17.66
N GLN C 373 22.15 -3.15 17.27
CA GLN C 373 23.24 -2.88 18.21
C GLN C 373 22.73 -2.08 19.41
N ARG C 374 21.86 -1.10 19.17
CA ARG C 374 21.29 -0.32 20.26
C ARG C 374 20.49 -1.21 21.22
N LEU C 375 19.68 -2.12 20.67
CA LEU C 375 18.97 -3.05 21.53
C LEU C 375 19.92 -3.92 22.34
N ASN C 376 20.99 -4.38 21.72
CA ASN C 376 21.86 -5.35 22.36
C ASN C 376 22.67 -4.73 23.50
N THR C 377 23.20 -3.52 23.29
CA THR C 377 24.22 -2.98 24.18
C THR C 377 23.68 -2.08 25.29
N THR C 378 22.36 -1.96 25.45
CA THR C 378 21.83 -1.02 26.44
C THR C 378 21.95 -1.56 27.86
N LYS C 379 21.75 -2.86 28.05
CA LYS C 379 21.80 -3.60 29.31
C LYS C 379 20.57 -3.37 30.20
N GLU C 380 19.66 -2.47 29.84
CA GLU C 380 18.36 -2.36 30.52
C GLU C 380 17.27 -3.11 29.78
N ALA C 381 17.14 -2.89 28.47
CA ALA C 381 16.22 -3.68 27.66
C ALA C 381 16.60 -5.16 27.69
N SER C 382 17.90 -5.45 27.64
CA SER C 382 18.34 -6.84 27.66
C SER C 382 17.94 -7.54 28.94
N GLU C 383 17.98 -6.82 30.07
CA GLU C 383 17.57 -7.40 31.34
C GLU C 383 16.08 -7.77 31.31
N LEU C 384 15.25 -6.93 30.70
CA LEU C 384 13.82 -7.21 30.66
C LEU C 384 13.56 -8.41 29.74
N LEU C 385 14.25 -8.45 28.60
CA LEU C 385 14.23 -9.64 27.75
C LEU C 385 14.57 -10.89 28.54
N HIS C 386 15.65 -10.83 29.32
CA HIS C 386 16.04 -11.97 30.15
C HIS C 386 14.94 -12.32 31.14
N SER C 387 14.30 -11.30 31.70
CA SER C 387 13.27 -11.54 32.72
C SER C 387 12.10 -12.32 32.14
N TRP C 388 11.65 -11.97 30.93
CA TRP C 388 10.51 -12.68 30.37
C TRP C 388 10.89 -13.95 29.61
N GLY C 389 12.17 -14.27 29.50
CA GLY C 389 12.60 -15.58 29.04
C GLY C 389 12.63 -15.78 27.54
N LEU C 390 12.79 -14.73 26.75
CA LEU C 390 12.86 -14.81 25.30
C LEU C 390 14.22 -14.31 24.81
N VAL C 391 14.81 -15.04 23.86
CA VAL C 391 16.12 -14.70 23.30
C VAL C 391 15.92 -13.91 22.02
N LEU C 392 16.78 -12.93 21.81
CA LEU C 392 16.80 -12.12 20.59
C LEU C 392 18.09 -12.38 19.82
N ASP C 393 18.00 -12.27 18.50
CA ASP C 393 19.11 -12.56 17.61
C ASP C 393 19.74 -11.27 17.10
N SER C 394 20.96 -11.40 16.57
CA SER C 394 21.82 -10.25 16.32
C SER C 394 21.90 -9.83 14.86
N ARG C 395 21.39 -10.63 13.93
CA ARG C 395 21.45 -10.31 12.50
C ARG C 395 20.08 -10.50 11.86
N MET C 396 19.79 -9.65 10.87
CA MET C 396 18.54 -9.78 10.15
C MET C 396 18.45 -11.15 9.49
N LEU C 397 17.22 -11.57 9.22
CA LEU C 397 16.99 -12.91 8.68
C LEU C 397 17.66 -13.07 7.32
N ASP C 398 18.35 -14.19 7.14
CA ASP C 398 19.01 -14.55 5.90
C ASP C 398 18.42 -15.87 5.39
N MET C 399 17.96 -15.87 4.14
CA MET C 399 17.36 -17.04 3.52
C MET C 399 17.92 -17.21 2.12
N GLN C 400 17.60 -18.35 1.51
CA GLN C 400 18.09 -18.71 0.18
C GLN C 400 16.90 -18.85 -0.75
N GLY C 401 16.53 -17.75 -1.41
CA GLY C 401 15.44 -17.76 -2.34
C GLY C 401 15.89 -18.33 -3.68
N ARG C 402 15.04 -18.15 -4.69
CA ARG C 402 15.38 -18.58 -6.04
C ARG C 402 14.86 -17.55 -7.04
N ARG C 403 15.60 -17.39 -8.13
CA ARG C 403 15.27 -16.46 -9.21
C ARG C 403 14.82 -17.28 -10.40
N LEU C 404 13.58 -17.02 -10.86
CA LEU C 404 13.04 -17.68 -12.04
C LEU C 404 13.75 -17.18 -13.29
N PRO C 405 13.85 -17.98 -14.36
CA PRO C 405 14.61 -17.55 -15.53
C PRO C 405 13.95 -16.39 -16.21
N PRO C 406 14.69 -15.56 -16.96
CA PRO C 406 14.05 -14.53 -17.77
C PRO C 406 13.20 -15.15 -18.87
N GLU C 407 12.17 -14.41 -19.28
CA GLU C 407 11.12 -14.95 -20.14
C GLU C 407 11.32 -14.50 -21.57
N LYS C 408 11.21 -15.46 -22.49
CA LYS C 408 11.30 -15.17 -23.92
C LYS C 408 10.01 -14.50 -24.39
N ILE C 409 10.09 -13.22 -24.72
CA ILE C 409 8.96 -12.47 -25.26
C ILE C 409 8.88 -12.74 -26.75
N LEU C 410 7.66 -12.97 -27.23
CA LEU C 410 7.41 -13.34 -28.62
C LEU C 410 6.89 -12.14 -29.40
N PHE C 411 7.10 -12.19 -30.71
CA PHE C 411 6.53 -11.22 -31.64
C PHE C 411 6.16 -12.00 -32.89
N LYS C 412 5.87 -11.31 -33.98
CA LYS C 412 5.56 -11.96 -35.25
C LYS C 412 6.86 -12.40 -35.90
N HIS C 413 7.16 -13.70 -35.82
CA HIS C 413 8.35 -14.30 -36.42
C HIS C 413 9.64 -13.79 -35.78
N SER C 414 9.61 -13.48 -34.48
CA SER C 414 10.81 -13.07 -33.78
C SER C 414 10.63 -13.25 -32.28
N SER C 415 11.75 -13.24 -31.56
CA SER C 415 11.73 -13.42 -30.12
C SER C 415 12.85 -12.59 -29.51
N ILE C 416 12.67 -12.20 -28.25
CA ILE C 416 13.66 -11.44 -27.51
C ILE C 416 13.65 -11.95 -26.07
N VAL C 417 14.83 -12.28 -25.54
CA VAL C 417 14.93 -12.62 -24.13
C VAL C 417 14.95 -11.34 -23.31
N ALA C 418 14.14 -11.30 -22.25
CA ALA C 418 14.02 -10.10 -21.45
C ALA C 418 15.33 -9.82 -20.71
N ASN C 419 15.55 -8.53 -20.43
CA ASN C 419 16.77 -8.11 -19.74
C ASN C 419 16.77 -8.64 -18.31
N MET C 420 17.87 -8.42 -17.61
CA MET C 420 17.86 -8.57 -16.16
C MET C 420 16.97 -7.52 -15.52
N GLU C 421 16.74 -6.39 -16.19
CA GLU C 421 15.80 -5.39 -15.72
C GLU C 421 14.35 -5.72 -16.08
N ALA C 422 14.13 -6.69 -16.96
CA ALA C 422 12.79 -7.08 -17.38
C ALA C 422 12.03 -5.90 -17.97
N ASP C 423 12.57 -5.41 -19.09
CA ASP C 423 11.97 -4.29 -19.81
C ASP C 423 12.41 -4.37 -21.26
N TRP C 424 11.45 -4.34 -22.19
CA TRP C 424 11.71 -4.49 -23.61
C TRP C 424 11.00 -3.41 -24.42
N SER C 425 10.99 -2.18 -23.89
CA SER C 425 10.43 -1.07 -24.66
C SER C 425 11.20 -0.86 -25.95
N ARG C 426 12.53 -0.94 -25.87
CA ARG C 426 13.36 -0.64 -27.03
C ARG C 426 13.12 -1.63 -28.17
N GLU C 427 12.97 -2.92 -27.82
CA GLU C 427 12.68 -3.92 -28.84
C GLU C 427 11.22 -3.81 -29.31
N CYS C 428 10.32 -3.42 -28.42
CA CYS C 428 8.92 -3.25 -28.80
C CYS C 428 8.78 -2.15 -29.85
N LEU C 429 9.59 -1.11 -29.76
CA LEU C 429 9.43 0.02 -30.68
C LEU C 429 9.78 -0.35 -32.12
N LYS C 430 10.57 -1.41 -32.33
CA LYS C 430 11.11 -1.73 -33.65
C LYS C 430 10.76 -3.13 -34.13
N GLU C 431 9.84 -3.83 -33.46
CA GLU C 431 9.49 -5.20 -33.80
C GLU C 431 8.02 -5.30 -34.14
N HIS C 432 7.68 -6.31 -34.95
CA HIS C 432 6.34 -6.45 -35.50
C HIS C 432 5.40 -7.02 -34.45
N VAL C 433 4.28 -6.32 -34.20
CA VAL C 433 3.25 -6.86 -33.33
C VAL C 433 2.60 -8.08 -33.99
N ILE C 434 1.89 -8.86 -33.18
CA ILE C 434 1.33 -10.12 -33.67
C ILE C 434 0.12 -9.86 -34.56
N SER C 435 -0.89 -9.15 -34.04
CA SER C 435 -2.10 -8.85 -34.78
C SER C 435 -2.28 -7.35 -34.85
N ALA C 436 -2.43 -6.82 -36.06
CA ALA C 436 -2.61 -5.39 -36.30
C ALA C 436 -3.90 -5.17 -37.08
N VAL C 437 -4.60 -4.08 -36.74
CA VAL C 437 -5.85 -3.71 -37.38
C VAL C 437 -5.60 -2.51 -38.27
N SER C 438 -5.95 -2.63 -39.54
CA SER C 438 -5.76 -1.56 -40.51
C SER C 438 -6.68 -0.40 -40.15
N LEU C 439 -6.09 0.67 -39.60
CA LEU C 439 -6.84 1.82 -39.11
C LEU C 439 -7.23 2.67 -40.31
N LEU C 440 -8.23 2.18 -41.05
CA LEU C 440 -8.64 2.83 -42.30
C LEU C 440 -9.51 4.05 -42.03
N ASP C 441 -10.67 3.83 -41.40
CA ASP C 441 -11.63 4.90 -41.16
C ASP C 441 -11.56 5.31 -39.69
N TRP C 442 -11.09 6.52 -39.44
CA TRP C 442 -11.05 7.11 -38.11
C TRP C 442 -10.96 8.61 -38.26
N ALA C 443 -11.35 9.32 -37.20
CA ALA C 443 -11.50 10.77 -37.24
C ALA C 443 -10.84 11.40 -36.03
N VAL C 444 -10.39 12.65 -36.21
CA VAL C 444 -9.78 13.43 -35.15
C VAL C 444 -10.59 14.69 -34.90
N LEU C 445 -10.73 15.00 -33.60
CA LEU C 445 -11.63 16.03 -33.08
C LEU C 445 -10.81 16.96 -32.20
N PHE C 446 -10.91 18.27 -32.44
CA PHE C 446 -10.21 19.23 -31.59
C PHE C 446 -10.82 20.61 -31.80
N VAL C 447 -10.39 21.56 -30.97
CA VAL C 447 -10.73 22.97 -31.13
C VAL C 447 -9.75 23.61 -32.11
N ARG C 448 -10.10 24.78 -32.64
CA ARG C 448 -9.24 25.44 -33.63
C ARG C 448 -7.86 25.76 -33.06
N LYS C 449 -7.80 26.14 -31.77
CA LYS C 449 -6.53 26.55 -31.18
C LYS C 449 -5.49 25.44 -31.25
N ASP C 450 -5.96 24.18 -31.21
CA ASP C 450 -5.06 23.00 -31.25
C ASP C 450 -5.18 22.31 -32.61
N GLN C 451 -4.82 23.00 -33.69
CA GLN C 451 -4.78 22.39 -35.01
C GLN C 451 -3.41 21.77 -35.27
N GLY C 452 -2.35 22.58 -35.18
CA GLY C 452 -1.04 22.13 -35.58
C GLY C 452 -0.52 20.96 -34.75
N LYS C 453 -0.83 20.96 -33.45
CA LYS C 453 -0.36 19.88 -32.60
C LYS C 453 -1.00 18.55 -33.00
N ALA C 454 -2.30 18.55 -33.26
CA ALA C 454 -2.97 17.33 -33.69
C ALA C 454 -2.46 16.88 -35.06
N THR C 455 -2.24 17.83 -35.97
CA THR C 455 -1.72 17.46 -37.29
C THR C 455 -0.33 16.83 -37.17
N ASP C 456 0.54 17.42 -36.36
CA ASP C 456 1.87 16.87 -36.15
C ASP C 456 1.81 15.50 -35.48
N PHE C 457 0.87 15.29 -34.55
CA PHE C 457 0.72 13.97 -33.95
C PHE C 457 0.29 12.94 -34.98
N VAL C 458 -0.64 13.31 -35.87
CA VAL C 458 -1.10 12.38 -36.89
C VAL C 458 0.05 12.04 -37.84
N ASN C 459 0.90 13.03 -38.16
CA ASN C 459 2.04 12.76 -39.03
C ASN C 459 2.99 11.75 -38.38
N MET C 460 3.24 11.90 -37.08
CA MET C 460 4.13 10.96 -36.41
C MET C 460 3.51 9.58 -36.24
N LEU C 461 2.18 9.49 -36.09
CA LEU C 461 1.54 8.19 -36.16
C LEU C 461 1.72 7.56 -37.54
N SER C 462 1.63 8.35 -38.60
CA SER C 462 1.93 7.82 -39.93
C SER C 462 3.37 7.33 -40.01
N LYS C 463 4.30 8.05 -39.38
CA LYS C 463 5.71 7.69 -39.45
C LYS C 463 6.06 6.41 -38.69
N VAL C 464 5.56 6.24 -37.47
CA VAL C 464 6.05 5.18 -36.59
C VAL C 464 5.28 3.88 -36.68
N CYS C 465 4.22 3.81 -37.50
CA CYS C 465 3.40 2.60 -37.51
C CYS C 465 3.94 1.51 -38.44
N PRO C 466 4.33 1.80 -39.69
CA PRO C 466 4.84 0.75 -40.54
C PRO C 466 6.02 0.02 -39.93
N PRO C 467 6.90 0.68 -39.16
CA PRO C 467 7.95 -0.08 -38.47
C PRO C 467 7.42 -1.19 -37.58
N ILE C 468 6.30 -0.97 -36.88
CA ILE C 468 5.78 -1.95 -35.93
C ILE C 468 4.70 -2.84 -36.52
N GLY C 469 4.20 -2.53 -37.72
CA GLY C 469 3.31 -3.43 -38.44
C GLY C 469 2.00 -2.84 -38.91
N MET C 470 1.46 -1.87 -38.19
CA MET C 470 0.15 -1.34 -38.51
C MET C 470 0.17 -0.51 -39.79
N GLU C 471 -0.92 -0.56 -40.54
CA GLU C 471 -1.11 0.21 -41.76
C GLU C 471 -2.15 1.28 -41.47
N VAL C 472 -1.67 2.49 -41.19
CA VAL C 472 -2.53 3.61 -40.77
C VAL C 472 -2.77 4.49 -41.99
N HIS C 473 -4.03 4.89 -42.19
CA HIS C 473 -4.43 5.74 -43.30
C HIS C 473 -4.78 7.13 -42.77
N GLU C 474 -5.02 8.01 -43.74
CA GLU C 474 -5.29 9.41 -43.38
C GLU C 474 -6.64 9.45 -42.69
N PRO C 475 -6.68 9.82 -41.41
CA PRO C 475 -7.94 9.85 -40.72
C PRO C 475 -8.80 10.97 -41.33
N LYS C 476 -9.94 11.29 -40.71
CA LYS C 476 -10.81 12.41 -41.15
C LYS C 476 -10.48 13.60 -40.30
N MET C 477 -10.93 14.78 -40.69
CA MET C 477 -10.46 15.94 -39.94
C MET C 477 -11.68 16.76 -39.57
N VAL C 478 -12.11 16.71 -38.31
CA VAL C 478 -13.32 17.40 -37.87
C VAL C 478 -12.97 18.34 -36.72
N GLU C 479 -13.44 19.57 -36.81
CA GLU C 479 -13.24 20.60 -35.80
C GLU C 479 -14.54 20.85 -35.06
N VAL C 480 -14.42 21.28 -33.80
CA VAL C 480 -15.56 21.60 -32.97
C VAL C 480 -15.67 23.12 -32.88
N VAL C 481 -16.90 23.59 -32.63
CA VAL C 481 -17.17 25.03 -32.66
C VAL C 481 -16.39 25.75 -31.55
N ASN C 482 -16.44 25.20 -30.33
CA ASN C 482 -15.79 25.84 -29.19
C ASN C 482 -15.40 24.77 -28.19
N ASP C 483 -14.84 25.20 -27.06
CA ASP C 483 -14.28 24.29 -26.06
C ASP C 483 -15.32 23.67 -25.14
N ARG C 484 -16.56 24.13 -25.18
CA ARG C 484 -17.56 23.66 -24.23
C ARG C 484 -17.92 22.21 -24.50
N THR C 485 -18.33 21.50 -23.44
CA THR C 485 -18.68 20.09 -23.56
C THR C 485 -19.86 19.88 -24.49
N GLU C 486 -20.79 20.84 -24.53
CA GLU C 486 -21.98 20.69 -25.37
C GLU C 486 -21.60 20.55 -26.84
N SER C 487 -20.65 21.37 -27.31
CA SER C 487 -20.23 21.28 -28.70
C SER C 487 -19.51 19.98 -29.01
N TYR C 488 -18.68 19.49 -28.08
CA TYR C 488 -18.04 18.18 -28.28
C TYR C 488 -19.08 17.08 -28.39
N LEU C 489 -20.10 17.11 -27.52
CA LEU C 489 -21.14 16.10 -27.58
C LEU C 489 -21.92 16.18 -28.89
N ARG C 490 -22.23 17.40 -29.34
CA ARG C 490 -22.93 17.55 -30.61
C ARG C 490 -22.10 17.00 -31.76
N ALA C 491 -20.80 17.30 -31.78
CA ALA C 491 -19.94 16.81 -32.86
C ALA C 491 -19.86 15.29 -32.83
N LEU C 492 -19.74 14.69 -31.64
CA LEU C 492 -19.70 13.24 -31.56
C LEU C 492 -21.01 12.62 -32.02
N ARG C 493 -22.14 13.19 -31.63
CA ARG C 493 -23.43 12.65 -32.06
C ARG C 493 -23.58 12.74 -33.58
N GLU C 494 -23.08 13.82 -34.19
CA GLU C 494 -23.12 13.92 -35.63
C GLU C 494 -22.18 12.91 -36.30
N LEU C 495 -20.98 12.74 -35.74
CA LEU C 495 -19.90 12.07 -36.47
C LEU C 495 -20.06 10.55 -36.51
N ILE C 496 -20.50 9.93 -35.40
CA ILE C 496 -20.42 8.48 -35.27
C ILE C 496 -21.25 7.80 -36.34
N ALA C 497 -20.64 6.86 -37.04
CA ALA C 497 -21.25 6.09 -38.11
C ALA C 497 -20.88 4.63 -37.93
N PRO C 498 -21.59 3.71 -38.60
CA PRO C 498 -21.21 2.29 -38.49
C PRO C 498 -19.78 2.00 -38.94
N ARG C 499 -19.30 2.69 -39.97
CA ARG C 499 -17.97 2.37 -40.51
C ARG C 499 -16.86 2.93 -39.64
N LEU C 500 -17.08 4.07 -38.99
CA LEU C 500 -16.03 4.69 -38.19
C LEU C 500 -15.59 3.74 -37.08
N GLN C 501 -14.26 3.59 -36.94
CA GLN C 501 -13.68 2.61 -36.02
C GLN C 501 -13.19 3.24 -34.73
N MET C 502 -12.45 4.34 -34.80
CA MET C 502 -11.92 5.00 -33.61
C MET C 502 -12.05 6.51 -33.76
N VAL C 503 -12.43 7.17 -32.67
CA VAL C 503 -12.47 8.62 -32.60
C VAL C 503 -11.36 9.10 -31.67
N VAL C 504 -10.54 10.02 -32.17
CA VAL C 504 -9.49 10.65 -31.37
C VAL C 504 -10.02 12.01 -30.97
N ILE C 505 -9.96 12.31 -29.67
CA ILE C 505 -10.48 13.57 -29.13
C ILE C 505 -9.35 14.24 -28.36
N VAL C 506 -9.04 15.47 -28.73
CA VAL C 506 -7.91 16.20 -28.18
C VAL C 506 -8.48 17.27 -27.25
N PHE C 507 -8.34 17.05 -25.94
CA PHE C 507 -8.84 18.01 -24.95
C PHE C 507 -7.82 19.11 -24.74
N PRO C 508 -8.18 20.39 -24.91
CA PRO C 508 -7.23 21.47 -24.60
C PRO C 508 -6.77 21.49 -23.14
N THR C 509 -7.57 20.98 -22.22
CA THR C 509 -7.23 20.98 -20.79
C THR C 509 -7.60 19.62 -20.21
N SER C 510 -7.60 19.54 -18.88
CA SER C 510 -7.97 18.32 -18.16
C SER C 510 -9.18 18.66 -17.28
N ARG C 511 -10.37 18.49 -17.83
CA ARG C 511 -11.63 18.72 -17.12
C ARG C 511 -12.36 17.40 -16.98
N ASP C 512 -12.79 17.08 -15.76
CA ASP C 512 -13.33 15.76 -15.48
C ASP C 512 -14.73 15.57 -16.06
N ASP C 513 -15.59 16.59 -16.00
CA ASP C 513 -16.96 16.42 -16.49
C ASP C 513 -17.01 16.22 -18.00
N ARG C 514 -16.18 16.94 -18.75
CA ARG C 514 -16.14 16.75 -20.20
C ARG C 514 -15.67 15.34 -20.55
N TYR C 515 -14.64 14.86 -19.87
CA TYR C 515 -14.19 13.49 -20.09
C TYR C 515 -15.29 12.49 -19.75
N SER C 516 -16.01 12.73 -18.66
CA SER C 516 -17.10 11.82 -18.28
C SER C 516 -18.17 11.79 -19.35
N ALA C 517 -18.59 12.95 -19.85
CA ALA C 517 -19.63 12.99 -20.88
C ALA C 517 -19.17 12.33 -22.17
N VAL C 518 -17.93 12.61 -22.59
CA VAL C 518 -17.42 12.05 -23.83
C VAL C 518 -17.33 10.52 -23.73
N LYS C 519 -16.81 10.00 -22.62
CA LYS C 519 -16.74 8.56 -22.46
C LYS C 519 -18.13 7.94 -22.30
N LYS C 520 -19.08 8.68 -21.71
CA LYS C 520 -20.46 8.21 -21.67
C LYS C 520 -20.99 8.00 -23.08
N LEU C 521 -20.79 8.99 -23.95
CA LEU C 521 -21.29 8.88 -25.31
C LEU C 521 -20.56 7.79 -26.10
N CYS C 522 -19.27 7.60 -25.85
CA CYS C 522 -18.46 6.67 -26.63
C CYS C 522 -18.39 5.27 -26.02
N CYS C 523 -19.04 5.02 -24.89
CA CYS C 523 -19.04 3.70 -24.27
C CYS C 523 -20.41 3.19 -23.86
N ILE C 524 -21.46 4.02 -23.90
CA ILE C 524 -22.80 3.60 -23.49
C ILE C 524 -23.78 3.80 -24.63
N GLU C 525 -23.95 5.05 -25.05
CA GLU C 525 -25.04 5.40 -25.97
C GLU C 525 -24.79 4.82 -27.36
N SER C 526 -23.69 5.21 -28.01
CA SER C 526 -23.31 4.73 -29.33
C SER C 526 -21.89 4.20 -29.21
N PRO C 527 -21.71 2.96 -28.73
CA PRO C 527 -20.37 2.51 -28.31
C PRO C 527 -19.41 2.43 -29.49
N ILE C 528 -18.31 3.16 -29.37
CA ILE C 528 -17.19 3.07 -30.31
C ILE C 528 -15.92 3.25 -29.49
N PRO C 529 -14.88 2.41 -29.65
CA PRO C 529 -13.64 2.66 -28.90
C PRO C 529 -13.02 3.98 -29.33
N SER C 530 -12.57 4.76 -28.34
CA SER C 530 -12.06 6.10 -28.59
C SER C 530 -10.79 6.32 -27.78
N GLN C 531 -10.00 7.29 -28.25
CA GLN C 531 -8.78 7.70 -27.56
C GLN C 531 -8.87 9.19 -27.28
N VAL C 532 -8.94 9.54 -26.01
CA VAL C 532 -8.83 10.93 -25.57
C VAL C 532 -7.37 11.19 -25.21
N LEU C 533 -6.86 12.34 -25.63
CA LEU C 533 -5.54 12.76 -25.17
C LEU C 533 -5.50 14.27 -25.01
N ILE C 534 -4.58 14.74 -24.17
CA ILE C 534 -4.53 16.15 -23.79
C ILE C 534 -3.62 16.90 -24.75
N ALA C 535 -3.80 18.22 -24.81
CA ALA C 535 -2.94 19.09 -25.59
C ALA C 535 -1.63 19.42 -24.88
N ARG C 536 -1.29 18.70 -23.82
CA ARG C 536 -0.05 18.89 -23.07
C ARG C 536 1.03 17.93 -23.52
N THR C 537 0.67 16.69 -23.84
CA THR C 537 1.62 15.65 -24.19
C THR C 537 1.87 15.53 -25.69
N ILE C 538 1.40 16.49 -26.48
CA ILE C 538 1.63 16.52 -27.92
C ILE C 538 2.27 17.82 -28.38
N THR C 539 2.82 18.61 -27.45
CA THR C 539 3.42 19.90 -27.77
C THR C 539 4.91 19.96 -27.47
N GLN C 540 5.42 19.06 -26.62
CA GLN C 540 6.82 19.07 -26.20
C GLN C 540 7.62 18.23 -27.19
N GLN C 541 8.31 18.90 -28.11
CA GLN C 541 9.13 18.19 -29.08
C GLN C 541 10.34 17.57 -28.40
N GLN C 542 11.02 16.68 -29.13
CA GLN C 542 12.04 15.76 -28.65
C GLN C 542 11.47 14.69 -27.72
N LYS C 543 10.15 14.65 -27.53
CA LYS C 543 9.49 13.61 -26.76
C LYS C 543 8.23 13.10 -27.43
N LEU C 544 7.76 13.72 -28.51
CA LEU C 544 6.55 13.27 -29.19
C LEU C 544 6.72 11.94 -29.89
N ARG C 545 7.96 11.52 -30.15
CA ARG C 545 8.18 10.25 -30.84
C ARG C 545 7.71 9.08 -29.99
N SER C 546 8.16 9.02 -28.73
CA SER C 546 7.73 7.93 -27.85
C SER C 546 6.25 8.07 -27.52
N VAL C 547 5.73 9.30 -27.45
CA VAL C 547 4.31 9.49 -27.19
C VAL C 547 3.49 8.87 -28.31
N ALA C 548 3.89 9.13 -29.56
CA ALA C 548 3.20 8.52 -30.69
C ALA C 548 3.36 7.01 -30.69
N GLN C 549 4.55 6.50 -30.37
CA GLN C 549 4.77 5.06 -30.37
C GLN C 549 4.02 4.36 -29.24
N LYS C 550 3.69 5.05 -28.16
CA LYS C 550 2.88 4.49 -27.09
C LYS C 550 1.39 4.56 -27.42
N VAL C 551 0.94 5.70 -27.95
CA VAL C 551 -0.46 5.84 -28.34
C VAL C 551 -0.79 4.86 -29.45
N ALA C 552 0.16 4.57 -30.34
CA ALA C 552 -0.11 3.63 -31.42
C ALA C 552 -0.37 2.22 -30.87
N LEU C 553 0.45 1.78 -29.93
CA LEU C 553 0.23 0.47 -29.32
C LEU C 553 -1.08 0.44 -28.54
N GLN C 554 -1.40 1.53 -27.84
CA GLN C 554 -2.67 1.58 -27.10
C GLN C 554 -3.85 1.53 -28.05
N MET C 555 -3.74 2.21 -29.20
CA MET C 555 -4.78 2.14 -30.23
C MET C 555 -4.95 0.73 -30.76
N ASN C 556 -3.84 0.05 -31.04
CA ASN C 556 -3.93 -1.34 -31.48
C ASN C 556 -4.57 -2.21 -30.40
N ALA C 557 -4.30 -1.91 -29.14
CA ALA C 557 -4.92 -2.66 -28.05
C ALA C 557 -6.43 -2.46 -28.01
N LYS C 558 -6.88 -1.23 -28.30
CA LYS C 558 -8.33 -0.94 -28.26
C LYS C 558 -9.00 -1.28 -29.60
N LEU C 559 -8.59 -2.36 -30.27
CA LEU C 559 -9.28 -2.76 -31.49
C LEU C 559 -9.38 -4.27 -31.63
N GLY C 560 -8.94 -5.05 -30.64
CA GLY C 560 -8.93 -6.50 -30.75
C GLY C 560 -7.60 -7.10 -31.15
N GLY C 561 -6.57 -6.29 -31.34
CA GLY C 561 -5.26 -6.77 -31.73
C GLY C 561 -4.34 -6.94 -30.53
N GLU C 562 -3.48 -7.94 -30.60
CA GLU C 562 -2.52 -8.25 -29.55
C GLU C 562 -1.12 -7.79 -29.96
N LEU C 563 -0.36 -7.33 -28.98
CA LEU C 563 0.95 -6.73 -29.22
C LEU C 563 2.08 -7.75 -29.13
N TRP C 564 2.25 -8.38 -27.98
CA TRP C 564 3.30 -9.37 -27.76
C TRP C 564 2.70 -10.60 -27.08
N ALA C 565 3.54 -11.63 -26.92
CA ALA C 565 3.09 -12.90 -26.37
C ALA C 565 4.23 -13.55 -25.61
N VAL C 566 3.88 -14.54 -24.80
CA VAL C 566 4.83 -15.28 -23.98
C VAL C 566 4.47 -16.75 -24.06
N GLU C 567 5.50 -17.61 -24.03
CA GLU C 567 5.31 -19.05 -24.07
C GLU C 567 4.60 -19.56 -22.83
N ILE C 568 3.30 -19.91 -22.96
CA ILE C 568 2.51 -20.35 -21.77
C ILE C 568 2.17 -21.83 -21.87
N PRO C 569 2.82 -22.72 -21.08
CA PRO C 569 2.62 -24.18 -21.19
C PRO C 569 1.45 -24.78 -20.42
N LEU C 570 0.30 -24.10 -20.39
CA LEU C 570 -0.90 -24.60 -19.67
C LEU C 570 -2.11 -24.55 -20.61
N LYS C 571 -2.53 -25.70 -21.13
CA LYS C 571 -3.64 -25.75 -22.08
C LYS C 571 -4.96 -25.68 -21.33
N SER C 572 -5.90 -24.89 -21.85
CA SER C 572 -7.26 -24.81 -21.32
C SER C 572 -7.26 -24.37 -19.85
N CYS C 573 -6.78 -23.14 -19.64
CA CYS C 573 -6.76 -22.52 -18.32
C CYS C 573 -7.29 -21.09 -18.46
N MET C 574 -8.61 -20.93 -18.33
CA MET C 574 -9.23 -19.62 -18.44
C MET C 574 -8.92 -18.81 -17.19
N VAL C 575 -8.21 -17.71 -17.36
CA VAL C 575 -7.70 -16.91 -16.24
C VAL C 575 -8.67 -15.75 -16.00
N VAL C 576 -8.98 -15.50 -14.73
CA VAL C 576 -9.94 -14.50 -14.31
C VAL C 576 -9.24 -13.49 -13.42
N GLY C 577 -9.67 -12.23 -13.51
CA GLY C 577 -9.18 -11.16 -12.65
C GLY C 577 -10.31 -10.30 -12.15
N ILE C 578 -10.33 -10.04 -10.84
CA ILE C 578 -11.39 -9.27 -10.19
C ILE C 578 -10.74 -8.22 -9.29
N ASP C 579 -11.29 -7.01 -9.30
CA ASP C 579 -10.92 -5.97 -8.37
C ASP C 579 -12.11 -5.04 -8.19
N VAL C 580 -12.31 -4.58 -6.96
CA VAL C 580 -13.47 -3.78 -6.59
C VAL C 580 -13.02 -2.36 -6.27
N TYR C 581 -13.79 -1.39 -6.77
CA TYR C 581 -13.49 0.03 -6.61
C TYR C 581 -14.32 0.56 -5.44
N HIS C 582 -13.77 0.49 -4.24
CA HIS C 582 -14.44 1.05 -3.08
C HIS C 582 -14.45 2.57 -3.18
N ASP C 583 -15.63 3.17 -2.98
CA ASP C 583 -15.76 4.65 -3.13
C ASP C 583 -17.07 5.16 -2.52
N LYS C 584 -17.01 6.30 -1.81
CA LYS C 584 -18.20 6.93 -1.23
C LYS C 584 -18.49 8.23 -1.99
N SER C 585 -18.36 8.16 -3.32
CA SER C 585 -18.58 9.31 -4.19
C SER C 585 -19.94 9.25 -4.86
N TYR C 586 -20.27 8.12 -5.50
CA TYR C 586 -21.56 7.92 -6.16
C TYR C 586 -22.34 6.87 -5.38
N GLY C 587 -23.03 7.32 -4.33
CA GLY C 587 -23.93 6.47 -3.57
C GLY C 587 -23.28 5.27 -2.90
N ASN C 588 -21.95 5.29 -2.76
CA ASN C 588 -21.21 4.17 -2.15
C ASN C 588 -21.52 2.87 -2.88
N LYS C 589 -21.49 2.93 -4.22
CA LYS C 589 -21.97 1.82 -5.02
C LYS C 589 -21.02 0.62 -4.98
N SER C 590 -19.73 0.86 -4.73
CA SER C 590 -18.74 -0.22 -4.60
C SER C 590 -18.70 -1.06 -5.89
N ILE C 591 -18.28 -0.41 -6.96
CA ILE C 591 -18.26 -1.04 -8.28
C ILE C 591 -17.24 -2.17 -8.29
N ALA C 592 -17.52 -3.20 -9.06
CA ALA C 592 -16.63 -4.33 -9.26
C ALA C 592 -16.15 -4.36 -10.71
N GLY C 593 -15.21 -5.26 -10.98
CA GLY C 593 -14.68 -5.44 -12.32
C GLY C 593 -14.30 -6.88 -12.56
N PHE C 594 -14.74 -7.44 -13.68
CA PHE C 594 -14.50 -8.83 -14.03
C PHE C 594 -13.83 -8.89 -15.39
N VAL C 595 -12.70 -9.58 -15.48
CA VAL C 595 -11.98 -9.76 -16.74
C VAL C 595 -11.60 -11.22 -16.88
N ALA C 596 -11.82 -11.79 -18.07
CA ALA C 596 -11.55 -13.20 -18.30
C ALA C 596 -10.84 -13.40 -19.64
N SER C 597 -9.85 -14.28 -19.67
CA SER C 597 -9.16 -14.58 -20.92
C SER C 597 -10.07 -15.41 -21.82
N THR C 598 -9.68 -15.50 -23.10
CA THR C 598 -10.49 -16.22 -24.09
C THR C 598 -9.71 -17.12 -25.03
N ASN C 599 -8.39 -17.06 -25.08
CA ASN C 599 -7.59 -17.87 -25.99
C ASN C 599 -6.47 -18.55 -25.21
N PRO C 600 -5.87 -19.60 -25.77
CA PRO C 600 -4.83 -20.33 -25.01
C PRO C 600 -3.58 -19.53 -24.71
N SER C 601 -3.37 -18.38 -25.37
CA SER C 601 -2.18 -17.57 -25.16
C SER C 601 -2.43 -16.35 -24.29
N PHE C 602 -3.66 -16.11 -23.85
CA PHE C 602 -3.98 -15.01 -22.92
C PHE C 602 -3.62 -13.66 -23.53
N THR C 603 -4.14 -13.39 -24.73
CA THR C 603 -3.94 -12.14 -25.42
C THR C 603 -5.24 -11.42 -25.77
N ARG C 604 -6.39 -12.04 -25.53
CA ARG C 604 -7.69 -11.41 -25.71
C ARG C 604 -8.49 -11.57 -24.44
N TRP C 605 -9.29 -10.55 -24.11
CA TRP C 605 -9.98 -10.49 -22.82
C TRP C 605 -11.44 -10.10 -23.02
N TYR C 606 -12.26 -10.52 -22.05
CA TYR C 606 -13.69 -10.26 -22.02
C TYR C 606 -13.99 -9.58 -20.69
N SER C 607 -14.57 -8.39 -20.74
CA SER C 607 -14.64 -7.49 -19.60
C SER C 607 -16.09 -7.13 -19.30
N ARG C 608 -16.50 -7.34 -18.04
CA ARG C 608 -17.81 -6.95 -17.55
C ARG C 608 -17.64 -6.26 -16.20
N THR C 609 -18.69 -5.57 -15.75
CA THR C 609 -18.67 -4.88 -14.47
C THR C 609 -19.98 -5.12 -13.73
N ALA C 610 -19.87 -5.30 -12.42
CA ALA C 610 -21.02 -5.53 -11.54
C ALA C 610 -21.10 -4.37 -10.56
N MET C 611 -22.14 -3.55 -10.70
CA MET C 611 -22.36 -2.37 -9.86
C MET C 611 -23.63 -2.61 -9.06
N GLN C 612 -23.49 -2.71 -7.74
CA GLN C 612 -24.63 -2.99 -6.88
C GLN C 612 -24.37 -2.42 -5.49
N GLU C 613 -25.46 -1.99 -4.85
CA GLU C 613 -25.41 -1.41 -3.51
C GLU C 613 -25.55 -2.45 -2.40
N GLN C 614 -25.29 -3.72 -2.71
CA GLN C 614 -25.46 -4.82 -1.77
C GLN C 614 -24.18 -5.64 -1.70
N SER C 615 -23.99 -6.30 -0.56
CA SER C 615 -22.89 -7.23 -0.35
C SER C 615 -23.26 -8.68 -0.66
N GLN C 616 -24.51 -8.93 -1.06
CA GLN C 616 -25.00 -10.27 -1.37
C GLN C 616 -25.37 -10.44 -2.83
N GLU C 617 -26.21 -9.54 -3.37
CA GLU C 617 -26.63 -9.65 -4.76
C GLU C 617 -25.53 -9.24 -5.73
N LEU C 618 -24.56 -8.43 -5.28
CA LEU C 618 -23.39 -8.15 -6.10
C LEU C 618 -22.68 -9.44 -6.48
N ILE C 619 -22.62 -10.41 -5.57
CA ILE C 619 -22.06 -11.71 -5.90
C ILE C 619 -22.93 -12.45 -6.90
N HIS C 620 -24.24 -12.19 -6.92
CA HIS C 620 -25.08 -12.78 -7.96
C HIS C 620 -24.78 -12.16 -9.33
N GLU C 621 -24.52 -10.85 -9.37
CA GLU C 621 -24.04 -10.26 -10.61
C GLU C 621 -22.70 -10.85 -11.03
N LEU C 622 -21.81 -11.12 -10.07
CA LEU C 622 -20.55 -11.78 -10.42
C LEU C 622 -20.79 -13.20 -10.93
N LYS C 623 -21.78 -13.90 -10.38
CA LYS C 623 -22.18 -15.20 -10.91
C LYS C 623 -22.60 -15.08 -12.37
N LEU C 624 -23.44 -14.10 -12.68
CA LEU C 624 -23.86 -13.89 -14.06
C LEU C 624 -22.66 -13.57 -14.95
N CYS C 625 -21.74 -12.75 -14.45
CA CYS C 625 -20.54 -12.42 -15.22
C CYS C 625 -19.72 -13.66 -15.52
N MET C 626 -19.55 -14.53 -14.52
CA MET C 626 -18.78 -15.75 -14.73
C MET C 626 -19.46 -16.65 -15.75
N GLN C 627 -20.79 -16.78 -15.66
CA GLN C 627 -21.50 -17.60 -16.63
C GLN C 627 -21.32 -17.07 -18.05
N ALA C 628 -21.45 -15.75 -18.22
CA ALA C 628 -21.29 -15.16 -19.55
C ALA C 628 -19.87 -15.31 -20.05
N ALA C 629 -18.87 -15.14 -19.20
CA ALA C 629 -17.49 -15.32 -19.63
C ALA C 629 -17.23 -16.76 -20.05
N LEU C 630 -17.78 -17.72 -19.31
CA LEU C 630 -17.58 -19.12 -19.65
C LEU C 630 -18.23 -19.45 -21.00
N LYS C 631 -19.44 -18.94 -21.25
CA LYS C 631 -20.06 -19.23 -22.55
C LYS C 631 -19.36 -18.48 -23.68
N LYS C 632 -18.79 -17.31 -23.40
CA LYS C 632 -17.98 -16.63 -24.41
C LYS C 632 -16.77 -17.47 -24.77
N TYR C 633 -16.09 -18.04 -23.77
CA TYR C 633 -14.99 -18.96 -24.06
C TYR C 633 -15.48 -20.15 -24.86
N ASN C 634 -16.68 -20.65 -24.54
CA ASN C 634 -17.23 -21.79 -25.27
C ASN C 634 -17.40 -21.44 -26.76
N GLU C 635 -17.93 -20.26 -27.06
CA GLU C 635 -18.06 -19.87 -28.46
C GLU C 635 -16.70 -19.69 -29.12
N MET C 636 -15.75 -19.05 -28.42
CA MET C 636 -14.50 -18.66 -29.07
C MET C 636 -13.47 -19.79 -29.15
N ASN C 637 -13.69 -20.91 -28.48
CA ASN C 637 -12.77 -22.04 -28.55
C ASN C 637 -13.43 -23.38 -28.82
N GLN C 638 -14.75 -23.42 -28.98
CA GLN C 638 -15.47 -24.66 -29.33
C GLN C 638 -15.28 -25.74 -28.27
N SER C 639 -14.97 -25.34 -27.04
CA SER C 639 -14.85 -26.26 -25.92
C SER C 639 -14.86 -25.42 -24.65
N LEU C 640 -14.75 -26.07 -23.50
CA LEU C 640 -14.85 -25.40 -22.21
C LEU C 640 -13.56 -25.62 -21.42
N PRO C 641 -13.17 -24.68 -20.56
CA PRO C 641 -11.87 -24.78 -19.90
C PRO C 641 -11.86 -25.83 -18.81
N GLU C 642 -10.74 -26.55 -18.74
CA GLU C 642 -10.56 -27.53 -17.66
C GLU C 642 -10.24 -26.87 -16.34
N ARG C 643 -9.63 -25.69 -16.36
CA ARG C 643 -9.22 -24.98 -15.16
C ARG C 643 -9.68 -23.53 -15.22
N ILE C 644 -10.04 -22.99 -14.07
CA ILE C 644 -10.31 -21.56 -13.90
C ILE C 644 -9.52 -21.08 -12.71
N ILE C 645 -8.70 -20.04 -12.90
CA ILE C 645 -7.88 -19.46 -11.85
C ILE C 645 -8.31 -18.02 -11.68
N VAL C 646 -8.72 -17.67 -10.46
CA VAL C 646 -9.30 -16.36 -10.16
C VAL C 646 -8.29 -15.61 -9.31
N PHE C 647 -7.62 -14.63 -9.90
CA PHE C 647 -6.69 -13.77 -9.17
C PHE C 647 -7.50 -12.60 -8.61
N ARG C 648 -7.76 -12.64 -7.32
CA ARG C 648 -8.63 -11.69 -6.64
C ARG C 648 -7.81 -10.56 -6.05
N ASP C 649 -8.26 -9.33 -6.27
CA ASP C 649 -7.56 -8.13 -5.85
C ASP C 649 -8.50 -7.26 -5.03
N GLY C 650 -7.93 -6.27 -4.36
CA GLY C 650 -8.69 -5.31 -3.59
C GLY C 650 -9.03 -5.76 -2.19
N VAL C 651 -8.72 -6.99 -1.80
CA VAL C 651 -8.98 -7.48 -0.47
C VAL C 651 -7.81 -7.11 0.42
N GLY C 652 -8.07 -6.33 1.47
CA GLY C 652 -7.03 -5.91 2.38
C GLY C 652 -6.77 -6.95 3.46
N GLU C 653 -6.57 -6.47 4.68
CA GLU C 653 -6.36 -7.34 5.84
C GLU C 653 -7.58 -7.45 6.74
N GLY C 654 -8.49 -6.47 6.69
CA GLY C 654 -9.68 -6.54 7.50
C GLY C 654 -10.69 -7.56 7.02
N ARG C 655 -10.83 -7.69 5.69
CA ARG C 655 -11.87 -8.50 5.07
C ARG C 655 -11.25 -9.63 4.23
N GLU C 656 -10.27 -10.34 4.79
CA GLU C 656 -9.68 -11.44 4.06
C GLU C 656 -10.59 -12.66 4.05
N GLU C 657 -11.34 -12.87 5.12
CA GLU C 657 -12.10 -14.11 5.26
C GLU C 657 -13.31 -14.17 4.33
N TYR C 658 -13.88 -13.00 3.98
CA TYR C 658 -15.14 -12.99 3.25
C TYR C 658 -15.03 -13.73 1.92
N VAL C 659 -13.88 -13.64 1.26
CA VAL C 659 -13.71 -14.35 -0.01
C VAL C 659 -13.70 -15.86 0.21
N SER C 660 -13.06 -16.31 1.29
CA SER C 660 -12.81 -17.73 1.45
C SER C 660 -14.08 -18.52 1.65
N GLU C 661 -15.09 -17.92 2.29
CA GLU C 661 -16.27 -18.65 2.75
C GLU C 661 -17.59 -18.19 2.15
N PHE C 662 -17.64 -17.01 1.52
CA PHE C 662 -18.89 -16.46 1.01
C PHE C 662 -18.88 -16.28 -0.51
N GLU C 663 -17.84 -15.65 -1.08
CA GLU C 663 -17.81 -15.45 -2.51
C GLU C 663 -17.41 -16.73 -3.26
N VAL C 664 -16.48 -17.50 -2.68
CA VAL C 664 -15.98 -18.69 -3.38
C VAL C 664 -17.07 -19.73 -3.59
N PRO C 665 -17.90 -20.10 -2.60
CA PRO C 665 -18.92 -21.12 -2.90
C PRO C 665 -19.91 -20.71 -3.97
N GLN C 666 -20.15 -19.41 -4.15
CA GLN C 666 -20.98 -18.96 -5.26
C GLN C 666 -20.37 -19.35 -6.60
N PHE C 667 -19.06 -19.11 -6.76
CA PHE C 667 -18.39 -19.57 -7.96
C PHE C 667 -18.48 -21.08 -8.09
N ASN C 668 -18.31 -21.80 -6.98
CA ASN C 668 -18.33 -23.25 -7.04
C ASN C 668 -19.71 -23.82 -7.35
N SER C 669 -20.77 -23.06 -7.12
CA SER C 669 -22.12 -23.62 -7.12
C SER C 669 -22.68 -23.88 -8.51
N CYS C 670 -22.87 -22.82 -9.30
CA CYS C 670 -23.63 -22.93 -10.55
C CYS C 670 -22.70 -22.95 -11.76
N PHE C 671 -21.98 -24.08 -11.89
CA PHE C 671 -21.28 -24.44 -13.11
C PHE C 671 -21.85 -25.71 -13.73
N SER C 672 -23.01 -26.17 -13.25
CA SER C 672 -23.64 -27.39 -13.75
C SER C 672 -24.63 -27.13 -14.88
N ILE C 673 -24.88 -25.87 -15.23
CA ILE C 673 -25.85 -25.56 -16.29
C ILE C 673 -25.29 -25.78 -17.69
N PHE C 674 -23.96 -25.85 -17.84
CA PHE C 674 -23.33 -25.94 -19.15
C PHE C 674 -22.97 -27.36 -19.55
N GLY C 675 -22.96 -28.32 -18.62
CA GLY C 675 -22.58 -29.67 -18.96
C GLY C 675 -22.99 -30.64 -17.87
N GLU C 676 -22.84 -31.93 -18.19
CA GLU C 676 -23.19 -33.01 -17.27
C GLU C 676 -22.12 -33.08 -16.19
N ASN C 677 -22.48 -32.66 -14.97
CA ASN C 677 -21.55 -32.62 -13.85
C ASN C 677 -20.28 -31.84 -14.22
N TYR C 678 -20.47 -30.72 -14.91
CA TYR C 678 -19.35 -29.89 -15.34
C TYR C 678 -18.87 -29.07 -14.14
N CYS C 679 -17.74 -29.45 -13.58
CA CYS C 679 -17.13 -28.77 -12.43
C CYS C 679 -15.71 -28.37 -12.79
N PRO C 680 -15.48 -27.18 -13.36
CA PRO C 680 -14.10 -26.77 -13.64
C PRO C 680 -13.30 -26.64 -12.36
N LYS C 681 -12.03 -27.01 -12.44
CA LYS C 681 -11.16 -27.10 -11.26
C LYS C 681 -10.75 -25.68 -10.88
N LEU C 682 -11.55 -25.08 -9.99
CA LEU C 682 -11.35 -23.69 -9.60
C LEU C 682 -10.13 -23.55 -8.69
N ALA C 683 -9.58 -22.33 -8.66
CA ALA C 683 -8.52 -21.99 -7.72
C ALA C 683 -8.50 -20.47 -7.57
N VAL C 684 -8.63 -19.99 -6.34
CA VAL C 684 -8.74 -18.56 -6.07
C VAL C 684 -7.45 -18.10 -5.40
N VAL C 685 -6.96 -16.94 -5.84
CA VAL C 685 -5.71 -16.36 -5.35
C VAL C 685 -5.98 -14.92 -4.98
N VAL C 686 -5.56 -14.52 -3.79
CA VAL C 686 -5.72 -13.16 -3.28
C VAL C 686 -4.39 -12.43 -3.43
N VAL C 687 -4.46 -11.20 -3.93
CA VAL C 687 -3.29 -10.39 -4.26
C VAL C 687 -3.24 -9.22 -3.30
N GLN C 688 -2.14 -9.07 -2.58
CA GLN C 688 -1.90 -7.92 -1.71
C GLN C 688 -0.64 -7.21 -2.18
N LYS C 689 -0.79 -5.93 -2.54
CA LYS C 689 0.32 -5.13 -3.02
C LYS C 689 1.05 -4.39 -1.92
N ARG C 690 0.49 -4.36 -0.70
CA ARG C 690 1.07 -3.63 0.42
C ARG C 690 1.47 -4.63 1.49
N ILE C 691 2.74 -4.57 1.91
CA ILE C 691 3.28 -5.42 2.95
C ILE C 691 4.42 -4.69 3.63
N THR C 692 4.71 -5.10 4.86
CA THR C 692 5.85 -4.58 5.61
C THR C 692 7.13 -5.35 5.36
N THR C 693 7.09 -6.37 4.51
CA THR C 693 8.29 -7.14 4.19
C THR C 693 9.07 -6.45 3.07
N ARG C 694 10.39 -6.37 3.26
CA ARG C 694 11.31 -5.89 2.24
C ARG C 694 12.43 -6.91 2.11
N ILE C 695 12.73 -7.30 0.86
CA ILE C 695 13.69 -8.36 0.57
C ILE C 695 14.84 -7.75 -0.21
N PHE C 696 16.07 -7.95 0.29
CA PHE C 696 17.29 -7.53 -0.39
C PHE C 696 18.04 -8.76 -0.86
N GLY C 697 18.67 -8.66 -2.03
CA GLY C 697 19.60 -9.65 -2.49
C GLY C 697 20.98 -9.37 -1.92
N ARG C 698 21.72 -10.44 -1.65
CA ARG C 698 22.99 -10.37 -0.93
C ARG C 698 24.09 -10.89 -1.83
N SER C 699 25.08 -10.05 -2.10
CA SER C 699 26.24 -10.42 -2.91
C SER C 699 27.49 -10.09 -2.11
N GLY C 700 28.21 -11.14 -1.68
CA GLY C 700 29.34 -10.95 -0.80
C GLY C 700 28.87 -10.42 0.55
N HIS C 701 29.16 -9.14 0.82
CA HIS C 701 28.64 -8.44 1.98
C HIS C 701 27.91 -7.17 1.57
N SER C 702 27.36 -7.15 0.36
CA SER C 702 26.65 -6.01 -0.19
C SER C 702 25.18 -6.33 -0.34
N TYR C 703 24.33 -5.38 0.07
CA TYR C 703 22.89 -5.50 -0.02
C TYR C 703 22.40 -4.66 -1.20
N ASP C 704 21.62 -5.26 -2.09
CA ASP C 704 21.10 -4.53 -3.23
C ASP C 704 19.73 -5.09 -3.61
N ASN C 705 18.97 -4.33 -4.37
CA ASN C 705 17.63 -4.77 -4.73
C ASN C 705 17.72 -6.06 -5.55
N PRO C 706 16.86 -7.05 -5.30
CA PRO C 706 16.91 -8.27 -6.11
C PRO C 706 16.41 -8.01 -7.51
N PRO C 707 16.83 -8.80 -8.50
CA PRO C 707 16.32 -8.60 -9.86
C PRO C 707 14.86 -9.01 -9.94
N PRO C 708 14.12 -8.52 -10.94
CA PRO C 708 12.76 -9.04 -11.14
C PRO C 708 12.76 -10.54 -11.35
N GLY C 709 11.79 -11.20 -10.73
CA GLY C 709 11.64 -12.64 -10.86
C GLY C 709 12.30 -13.42 -9.75
N VAL C 710 12.14 -12.98 -8.50
CA VAL C 710 12.66 -13.66 -7.33
C VAL C 710 11.48 -14.11 -6.48
N ILE C 711 11.50 -15.38 -6.08
CA ILE C 711 10.43 -15.99 -5.29
C ILE C 711 10.93 -16.22 -3.87
N VAL C 712 10.11 -15.85 -2.89
CA VAL C 712 10.33 -16.22 -1.50
C VAL C 712 9.06 -16.90 -1.02
N ASP C 713 9.11 -18.21 -0.87
CA ASP C 713 7.93 -19.02 -0.58
C ASP C 713 8.00 -19.73 0.76
N HIS C 714 8.99 -19.46 1.59
CA HIS C 714 9.12 -20.15 2.87
C HIS C 714 9.87 -19.26 3.86
N THR C 715 9.61 -19.51 5.14
CA THR C 715 10.27 -18.92 6.31
C THR C 715 9.80 -17.48 6.58
N ILE C 716 9.05 -16.84 5.67
CA ILE C 716 8.37 -15.60 5.97
C ILE C 716 6.90 -15.66 5.53
N THR C 717 6.47 -16.83 5.06
CA THR C 717 5.11 -17.05 4.59
C THR C 717 4.32 -17.81 5.65
N LYS C 718 3.02 -17.52 5.73
CA LYS C 718 2.18 -18.04 6.81
C LYS C 718 1.50 -19.35 6.44
N SER C 719 0.68 -19.34 5.37
CA SER C 719 -0.13 -20.51 5.01
C SER C 719 -0.28 -20.56 3.49
N TYR C 720 0.61 -21.31 2.83
CA TYR C 720 0.56 -21.58 1.40
C TYR C 720 0.40 -20.28 0.59
N ASP C 721 1.42 -19.44 0.73
CA ASP C 721 1.48 -18.16 0.02
C ASP C 721 2.92 -17.93 -0.42
N PHE C 722 3.17 -16.83 -1.11
CA PHE C 722 4.53 -16.50 -1.50
C PHE C 722 4.67 -15.03 -1.83
N TYR C 723 5.93 -14.58 -1.88
CA TYR C 723 6.30 -13.22 -2.23
C TYR C 723 7.02 -13.25 -3.56
N LEU C 724 6.58 -12.41 -4.49
CA LEU C 724 7.16 -12.32 -5.82
C LEU C 724 7.74 -10.92 -6.00
N VAL C 725 8.98 -10.84 -6.46
CA VAL C 725 9.59 -9.60 -6.91
C VAL C 725 9.52 -9.60 -8.42
N SER C 726 8.76 -8.64 -8.99
CA SER C 726 8.59 -8.55 -10.43
C SER C 726 8.83 -7.14 -10.98
N GLN C 727 8.66 -6.10 -10.17
CA GLN C 727 8.94 -4.75 -10.60
C GLN C 727 10.42 -4.43 -10.49
N HIS C 728 10.88 -3.53 -11.35
CA HIS C 728 12.23 -2.99 -11.28
C HIS C 728 12.12 -1.51 -10.92
N VAL C 729 12.79 -1.11 -9.85
CA VAL C 729 12.72 0.24 -9.31
C VAL C 729 14.14 0.79 -9.22
N ARG C 730 14.35 1.99 -9.79
CA ARG C 730 15.65 2.62 -9.79
C ARG C 730 15.90 3.50 -8.59
N GLN C 731 14.93 3.65 -7.69
CA GLN C 731 15.03 4.52 -6.52
C GLN C 731 14.48 3.78 -5.30
N GLY C 732 15.35 3.45 -4.37
CA GLY C 732 14.94 2.83 -3.13
C GLY C 732 14.82 1.32 -3.22
N THR C 733 14.05 0.77 -2.30
CA THR C 733 13.89 -0.67 -2.15
C THR C 733 12.62 -1.13 -2.87
N VAL C 734 12.75 -2.17 -3.67
CA VAL C 734 11.61 -2.72 -4.41
C VAL C 734 10.68 -3.41 -3.42
N SER C 735 9.38 -3.14 -3.54
CA SER C 735 8.38 -3.74 -2.67
C SER C 735 7.86 -5.02 -3.31
N PRO C 736 8.07 -6.19 -2.72
CA PRO C 736 7.48 -7.41 -3.31
C PRO C 736 5.97 -7.40 -3.23
N THR C 737 5.36 -8.29 -4.01
CA THR C 737 3.91 -8.48 -4.04
C THR C 737 3.58 -9.81 -3.39
N TYR C 738 2.51 -9.84 -2.60
CA TYR C 738 2.17 -10.97 -1.75
C TYR C 738 0.98 -11.69 -2.36
N TYR C 739 1.11 -12.99 -2.58
CA TYR C 739 0.07 -13.81 -3.19
C TYR C 739 -0.30 -14.94 -2.26
N ARG C 740 -1.57 -15.00 -1.87
CA ARG C 740 -2.14 -16.10 -1.11
C ARG C 740 -3.02 -16.94 -2.01
N VAL C 741 -3.11 -18.24 -1.70
CA VAL C 741 -4.06 -19.12 -2.37
C VAL C 741 -5.09 -19.58 -1.34
N ILE C 742 -6.18 -18.82 -1.24
CA ILE C 742 -7.19 -19.13 -0.21
C ILE C 742 -7.94 -20.41 -0.55
N TYR C 743 -8.24 -20.62 -1.83
CA TYR C 743 -9.00 -21.78 -2.29
C TYR C 743 -8.26 -22.40 -3.46
N ASP C 744 -7.82 -23.64 -3.30
CA ASP C 744 -7.01 -24.33 -4.30
C ASP C 744 -7.64 -25.68 -4.61
N LYS C 745 -8.20 -25.81 -5.82
CA LYS C 745 -8.67 -27.09 -6.32
C LYS C 745 -8.23 -27.35 -7.75
N SER C 746 -7.37 -26.49 -8.32
CA SER C 746 -6.98 -26.63 -9.72
C SER C 746 -6.25 -27.94 -9.98
N GLY C 747 -5.45 -28.39 -9.02
CA GLY C 747 -4.57 -29.51 -9.23
C GLY C 747 -3.19 -29.14 -9.74
N LEU C 748 -2.98 -27.87 -10.09
CA LEU C 748 -1.66 -27.39 -10.47
C LEU C 748 -0.70 -27.50 -9.30
N LYS C 749 0.54 -27.85 -9.57
CA LYS C 749 1.56 -27.84 -8.55
C LYS C 749 1.83 -26.39 -8.14
N PRO C 750 2.32 -26.17 -6.90
CA PRO C 750 2.61 -24.78 -6.51
C PRO C 750 3.63 -24.11 -7.41
N ASP C 751 4.58 -24.87 -7.94
CA ASP C 751 5.58 -24.31 -8.84
C ASP C 751 4.94 -23.75 -10.10
N HIS C 752 4.03 -24.51 -10.71
CA HIS C 752 3.38 -24.02 -11.92
C HIS C 752 2.50 -22.80 -11.65
N LEU C 753 1.86 -22.74 -10.48
CA LEU C 753 1.09 -21.55 -10.14
C LEU C 753 1.98 -20.33 -9.97
N GLN C 754 3.14 -20.51 -9.31
CA GLN C 754 4.08 -19.40 -9.18
C GLN C 754 4.58 -18.94 -10.54
N ARG C 755 4.92 -19.89 -11.41
CA ARG C 755 5.43 -19.54 -12.73
C ARG C 755 4.34 -18.86 -13.57
N LEU C 756 3.10 -19.32 -13.45
CA LEU C 756 1.99 -18.67 -14.15
C LEU C 756 1.78 -17.25 -13.66
N THR C 757 1.85 -17.03 -12.35
CA THR C 757 1.72 -15.68 -11.82
C THR C 757 2.86 -14.79 -12.29
N TYR C 758 4.07 -15.34 -12.42
CA TYR C 758 5.17 -14.55 -12.97
C TYR C 758 4.93 -14.22 -14.44
N LYS C 759 4.50 -15.20 -15.23
CA LYS C 759 4.31 -14.97 -16.66
C LYS C 759 3.19 -13.97 -16.93
N LEU C 760 2.11 -14.03 -16.15
CA LEU C 760 1.00 -13.09 -16.34
C LEU C 760 1.42 -11.66 -16.03
N THR C 761 2.54 -11.46 -15.33
CA THR C 761 3.00 -10.11 -15.02
C THR C 761 3.43 -9.36 -16.27
N HIS C 762 3.86 -10.07 -17.32
CA HIS C 762 4.29 -9.42 -18.55
C HIS C 762 3.14 -9.01 -19.45
N MET C 763 1.92 -9.47 -19.18
CA MET C 763 0.83 -9.43 -20.13
C MET C 763 -0.01 -8.16 -20.07
N TYR C 764 0.55 -7.07 -19.53
CA TYR C 764 -0.15 -5.80 -19.44
C TYR C 764 0.32 -4.92 -20.59
N TYR C 765 -0.58 -4.61 -21.53
CA TYR C 765 -0.14 -3.91 -22.78
C TYR C 765 0.26 -2.45 -22.53
N ASN C 766 -0.25 -1.83 -21.47
CA ASN C 766 0.06 -0.39 -21.25
C ASN C 766 1.57 -0.25 -21.05
N TRP C 767 2.19 -1.18 -20.33
CA TRP C 767 3.64 -1.04 -20.00
C TRP C 767 4.46 -2.24 -20.51
N PRO C 768 5.33 -2.11 -21.53
CA PRO C 768 6.23 -3.20 -21.95
C PRO C 768 7.28 -3.50 -20.89
N GLY C 769 7.13 -4.62 -20.21
CA GLY C 769 8.04 -5.01 -19.15
C GLY C 769 7.29 -5.87 -18.13
N THR C 770 7.43 -5.49 -16.86
CA THR C 770 6.73 -6.15 -15.76
C THR C 770 6.04 -5.11 -14.89
N ILE C 771 4.97 -5.54 -14.23
CA ILE C 771 4.20 -4.71 -13.32
C ILE C 771 4.12 -5.40 -11.97
N ARG C 772 3.44 -4.77 -11.00
CA ARG C 772 3.32 -5.34 -9.67
C ARG C 772 2.33 -6.52 -9.67
N THR C 773 1.08 -6.25 -10.02
CA THR C 773 0.03 -7.26 -10.00
C THR C 773 -0.02 -7.99 -11.34
N PRO C 774 -0.69 -9.15 -11.40
CA PRO C 774 -0.93 -9.78 -12.69
C PRO C 774 -1.80 -8.91 -13.58
N ALA C 775 -1.68 -9.13 -14.89
CA ALA C 775 -2.43 -8.32 -15.84
C ALA C 775 -3.93 -8.39 -15.65
N PRO C 776 -4.56 -9.55 -15.40
CA PRO C 776 -6.02 -9.56 -15.20
C PRO C 776 -6.48 -8.65 -14.06
N CYS C 777 -5.75 -8.64 -12.94
CA CYS C 777 -6.16 -7.81 -11.81
C CYS C 777 -6.08 -6.33 -12.15
N LYS C 778 -5.01 -5.91 -12.83
CA LYS C 778 -4.88 -4.50 -13.20
C LYS C 778 -5.94 -4.11 -14.23
N TYR C 779 -6.26 -5.01 -15.17
CA TYR C 779 -7.32 -4.74 -16.12
C TYR C 779 -8.66 -4.58 -15.41
N ALA C 780 -8.96 -5.47 -14.46
CA ALA C 780 -10.20 -5.37 -13.72
C ALA C 780 -10.26 -4.08 -12.91
N HIS C 781 -9.13 -3.69 -12.30
CA HIS C 781 -9.09 -2.45 -11.56
C HIS C 781 -9.36 -1.25 -12.46
N LYS C 782 -8.74 -1.23 -13.65
CA LYS C 782 -8.97 -0.12 -14.56
C LYS C 782 -10.42 -0.07 -15.03
N LEU C 783 -11.01 -1.22 -15.33
CA LEU C 783 -12.41 -1.24 -15.76
C LEU C 783 -13.32 -0.72 -14.65
N ALA C 784 -13.11 -1.20 -13.42
CA ALA C 784 -13.93 -0.75 -12.30
C ALA C 784 -13.74 0.74 -12.06
N PHE C 785 -12.50 1.23 -12.16
CA PHE C 785 -12.22 2.65 -11.97
C PHE C 785 -12.93 3.49 -13.01
N LEU C 786 -12.85 3.10 -14.29
CA LEU C 786 -13.51 3.85 -15.34
C LEU C 786 -15.02 3.86 -15.15
N VAL C 787 -15.60 2.70 -14.80
CA VAL C 787 -17.04 2.63 -14.66
C VAL C 787 -17.52 3.43 -13.46
N GLY C 788 -16.76 3.40 -12.36
CA GLY C 788 -17.21 4.04 -11.15
C GLY C 788 -17.00 5.55 -11.14
N LYS C 789 -15.91 6.01 -11.75
CA LYS C 789 -15.56 7.43 -11.66
C LYS C 789 -16.19 8.28 -12.76
N SER C 790 -16.26 7.76 -13.99
CA SER C 790 -16.67 8.54 -15.15
C SER C 790 -18.05 8.14 -15.67
N LEU C 791 -18.25 6.87 -15.99
CA LEU C 791 -19.49 6.45 -16.62
C LEU C 791 -20.66 6.46 -15.64
N HIS C 792 -20.45 5.95 -14.42
CA HIS C 792 -21.51 5.80 -13.42
C HIS C 792 -22.65 4.90 -13.91
N ARG C 793 -22.41 4.08 -14.93
CA ARG C 793 -23.41 3.22 -15.51
C ARG C 793 -22.72 1.96 -16.03
N ASP C 794 -23.53 1.01 -16.51
CA ASP C 794 -23.00 -0.22 -17.08
C ASP C 794 -22.67 0.01 -18.54
N PRO C 795 -21.41 -0.11 -18.99
CA PRO C 795 -21.12 0.17 -20.39
C PRO C 795 -21.77 -0.85 -21.32
N ALA C 796 -21.81 -0.49 -22.60
CA ALA C 796 -22.53 -1.28 -23.58
C ALA C 796 -21.88 -2.65 -23.77
N HIS C 797 -22.65 -3.57 -24.35
CA HIS C 797 -22.18 -4.92 -24.61
C HIS C 797 -21.43 -5.06 -25.93
N GLU C 798 -21.42 -4.02 -26.77
CA GLU C 798 -20.71 -4.09 -28.03
C GLU C 798 -19.19 -4.03 -27.85
N LEU C 799 -18.72 -3.58 -26.68
CA LEU C 799 -17.29 -3.36 -26.45
C LEU C 799 -16.68 -4.41 -25.52
N SER C 800 -17.40 -5.49 -25.22
CA SER C 800 -16.90 -6.42 -24.23
C SER C 800 -15.68 -7.20 -24.70
N ASP C 801 -15.67 -7.64 -25.96
CA ASP C 801 -14.56 -8.44 -26.45
C ASP C 801 -13.27 -7.65 -26.63
N ARG C 802 -13.34 -6.31 -26.62
CA ARG C 802 -12.18 -5.46 -26.76
C ARG C 802 -11.69 -5.01 -25.39
N LEU C 803 -10.51 -4.39 -25.36
CA LEU C 803 -10.00 -3.66 -24.20
C LEU C 803 -10.21 -2.18 -24.48
N PHE C 804 -11.43 -1.71 -24.21
CA PHE C 804 -11.79 -0.32 -24.49
C PHE C 804 -11.49 0.63 -23.36
N PHE C 805 -10.86 0.12 -22.27
CA PHE C 805 -10.64 0.96 -21.05
C PHE C 805 -9.15 1.30 -20.85
N LEU C 806 -8.23 0.65 -21.58
CA LEU C 806 -6.80 0.95 -21.51
C LEU C 806 -6.75 2.49 -21.78
MG MG D . -7.53 5.18 -23.38
MG MG E . -8.35 -2.10 -7.04
#